data_8U6S
#
_entry.id   8U6S
#
_cell.length_a   222.126
_cell.length_b   68.624
_cell.length_c   103.701
_cell.angle_alpha   90.00
_cell.angle_beta   107.41
_cell.angle_gamma   90.00
#
_symmetry.space_group_name_H-M   'C 1 2 1'
#
loop_
_entity.id
_entity.type
_entity.pdbx_description
1 polymer 'Reverse transcriptase/ribonuclease H'
2 polymer 'p51 RT'
3 non-polymer (4S)-8-{2-[3-(morpholin-4-yl)-3-oxopropoxy]phenoxy}indolizine-2-carbonitrile
4 non-polymer 'PHOSPHATE ION'
5 non-polymer 'MAGNESIUM ION'
6 water water
#
loop_
_entity_poly.entity_id
_entity_poly.type
_entity_poly.pdbx_seq_one_letter_code
_entity_poly.pdbx_strand_id
1 'polypeptide(L)'
;MVPISPIETVPVKLKPGMDGPKVKQWPLTEEKIKALVEICTEMEKEGKISKIGPENPYNTPVFAIKKKDSTKWRKLVDFR
ELNKRTQDFWEVQLGIPHPAGLKKKKSVTVLDVGDAYFSVPLDEDFRKYTAFTIPSINNETPGIRYQYNVLPQGWKGSPA
IFQSSMTKILEPFAAQNPDIVIYQYMDDLYVGSDLEIGQHRTKIEELRQHLLRWGLTTPDKKHQKEPPFLWMGYELHPDK
WTVQPIVLPEKDSWTVNDIQKLVGKLNWASQIYPGIKVRQLSKLLRGTKALTEVIPLTEEAELELAENREILKEPVHGVY
YDPSKDLIAEIQKQGQGQWTYQIYQEPFKNLKTGKYARMRGAHTNDVKQLTEAVQKITTESIVIWGKTPKFKLPIQKETW
ETWWTEYWQATWIPEWEFVNTPPLVKLWYQLEKEPIVGAETFYVDGAANRETKLGKAGYVTNKGRQKVVPLTNTTNQKTE
LQAIYLALQDSGLEVNIVTDSQYALGIIQAQPDKSESELVNQIIEQLIKKEKVYLAWVPAHKGIGGNEQVDKLV
;
A
2 'polypeptide(L)'
;PISPIETVPVKLKPGMDGPKVKQWPLTEEKIKALVEICTEMEKEGKISKIGPENPYNTPVFAIKKKDSTKWRKLVDFREL
NKRTQDFWEVQLGIPHPAGLKKKKSVTVLDVGDAYFSVPLDEDFRKYTAFTIPSINNETPGIRYQYNVLPQGWKGSPAIF
QSSMTKILEPFKKQNPDIVIYQYMDDLYVGSDLEIGQHRTKIEELRQHLLRWGLTTPDKKHQKEPPFLWMGYELHPDKWT
VQPIVLPEKDSWTVNDIQKLVGKLNWASQIYPGIKVRQLSKLLRGTKALTEVIPLTEEAELELAENREILKEPVHGVYYD
PSKDLIAEIQKQGQGQWTYQIYQEPFKNLKTGKYARMRGAHTNDVKQLTEAVQKITTESIVIWGKTPKFKLPIQKETWET
WWTEYWQATWIPEWEFVNTPPLVKLWYQ
;
B
#
loop_
_chem_comp.id
_chem_comp.type
_chem_comp.name
_chem_comp.formula
MG non-polymer 'MAGNESIUM ION' 'Mg 2'
PO4 non-polymer 'PHOSPHATE ION' 'O4 P -3'
VPB non-polymer (4S)-8-{2-[3-(morpholin-4-yl)-3-oxopropoxy]phenoxy}indolizine-2-carbonitrile 'C22 H21 N3 O4'
#
# COMPACT_ATOMS: atom_id res chain seq x y z
N PRO A 3 -36.08 21.26 18.98
CA PRO A 3 -35.16 21.52 17.87
C PRO A 3 -35.05 20.34 16.90
N ILE A 4 -36.18 19.68 16.65
CA ILE A 4 -36.25 18.65 15.63
C ILE A 4 -36.15 19.32 14.27
N SER A 5 -35.98 18.53 13.23
CA SER A 5 -35.68 19.05 11.90
C SER A 5 -36.61 18.52 10.83
N PRO A 6 -36.80 19.28 9.75
CA PRO A 6 -37.46 18.77 8.55
C PRO A 6 -36.55 18.06 7.55
N ILE A 7 -35.32 17.71 7.94
CA ILE A 7 -34.41 17.10 6.99
C ILE A 7 -34.96 15.77 6.52
N GLU A 8 -34.65 15.42 5.29
CA GLU A 8 -34.93 14.09 4.80
C GLU A 8 -34.21 13.07 5.68
N THR A 9 -34.91 11.98 6.02
CA THR A 9 -34.27 10.92 6.77
C THR A 9 -33.51 10.01 5.82
N VAL A 10 -32.51 9.35 6.37
CA VAL A 10 -31.75 8.33 5.65
C VAL A 10 -32.36 6.98 6.03
N PRO A 11 -32.73 6.15 5.06
CA PRO A 11 -33.28 4.82 5.37
C PRO A 11 -32.25 3.90 5.99
N VAL A 12 -32.69 3.12 6.96
CA VAL A 12 -31.80 2.24 7.72
C VAL A 12 -32.40 0.84 7.75
N LYS A 13 -31.57 -0.17 7.53
CA LYS A 13 -32.01 -1.55 7.60
C LYS A 13 -31.26 -2.29 8.70
N LEU A 14 -31.88 -3.36 9.19
CA LEU A 14 -31.18 -4.31 10.04
C LEU A 14 -30.34 -5.24 9.18
N LYS A 15 -29.27 -5.79 9.77
CA LYS A 15 -28.47 -6.79 9.07
C LYS A 15 -29.37 -7.95 8.66
N PRO A 16 -29.28 -8.43 7.43
CA PRO A 16 -30.29 -9.36 6.91
C PRO A 16 -30.44 -10.61 7.77
N GLY A 17 -31.68 -11.00 7.99
CA GLY A 17 -31.95 -12.13 8.86
C GLY A 17 -31.71 -11.86 10.34
N MET A 18 -31.76 -10.61 10.76
CA MET A 18 -31.73 -10.27 12.17
C MET A 18 -33.00 -9.53 12.54
N ASP A 19 -33.37 -9.61 13.80
CA ASP A 19 -34.49 -8.86 14.34
C ASP A 19 -33.98 -7.87 15.36
N GLY A 20 -34.88 -7.05 15.89
CA GLY A 20 -34.52 -6.02 16.83
C GLY A 20 -34.34 -6.54 18.23
N PRO A 21 -33.55 -5.82 19.02
CA PRO A 21 -33.13 -6.34 20.32
C PRO A 21 -34.28 -6.47 21.32
N LYS A 22 -34.12 -7.40 22.28
CA LYS A 22 -35.07 -7.56 23.40
C LYS A 22 -34.28 -7.87 24.67
N VAL A 23 -33.77 -6.81 25.32
CA VAL A 23 -32.98 -6.96 26.57
C VAL A 23 -33.78 -6.33 27.70
N LYS A 24 -34.56 -7.14 28.41
CA LYS A 24 -35.45 -6.60 29.47
C LYS A 24 -34.60 -5.86 30.52
N GLN A 25 -35.16 -4.81 31.11
CA GLN A 25 -34.44 -4.03 32.14
C GLN A 25 -34.70 -4.66 33.50
N TRP A 26 -34.38 -3.94 34.58
CA TRP A 26 -34.61 -4.46 35.96
C TRP A 26 -34.35 -3.34 36.97
N PRO A 27 -35.24 -3.12 37.95
CA PRO A 27 -35.07 -2.06 38.94
C PRO A 27 -33.58 -1.89 39.29
N THR A 29 -34.17 1.69 41.80
CA THR A 29 -33.51 2.99 41.57
C THR A 29 -34.53 4.12 41.66
N GLU A 30 -35.48 4.02 42.60
CA GLU A 30 -36.53 5.05 42.77
C GLU A 30 -36.17 6.48 42.38
N GLU A 31 -34.99 6.94 42.78
CA GLU A 31 -34.56 8.32 42.46
C GLU A 31 -34.18 8.39 40.98
N LYS A 32 -33.60 7.32 40.45
CA LYS A 32 -33.20 7.28 39.03
C LYS A 32 -34.54 7.10 38.31
N ILE A 33 -35.28 6.06 38.67
CA ILE A 33 -36.56 5.77 37.95
C ILE A 33 -37.33 7.08 37.80
N LYS A 34 -37.23 7.96 38.79
CA LYS A 34 -37.92 9.27 38.73
C LYS A 34 -37.23 10.15 37.69
N ALA A 35 -35.95 10.46 37.94
CA ALA A 35 -35.19 11.27 36.97
C ALA A 35 -35.60 10.85 35.56
N LEU A 36 -35.60 9.54 35.31
CA LEU A 36 -35.98 9.03 33.97
C LEU A 36 -37.33 9.64 33.59
N VAL A 37 -38.37 9.45 34.40
CA VAL A 37 -39.67 9.97 33.97
C VAL A 37 -39.53 11.44 33.56
N GLU A 38 -38.73 12.21 34.32
CA GLU A 38 -38.57 13.64 34.05
C GLU A 38 -38.01 13.90 32.66
N ILE A 39 -36.93 13.21 32.30
CA ILE A 39 -36.36 13.40 30.98
C ILE A 39 -37.29 12.86 29.90
N CYS A 40 -38.01 11.77 30.18
CA CYS A 40 -38.86 11.15 29.17
C CYS A 40 -39.91 12.12 28.64
N THR A 41 -40.70 12.71 29.53
CA THR A 41 -41.74 13.63 29.09
C THR A 41 -41.13 14.94 28.56
N GLU A 42 -40.10 15.47 29.25
CA GLU A 42 -39.48 16.70 28.76
C GLU A 42 -38.83 16.52 27.39
N MET A 43 -38.48 15.28 27.03
CA MET A 43 -38.04 14.92 25.69
C MET A 43 -39.18 14.52 24.77
N GLU A 44 -40.28 14.01 25.33
CA GLU A 44 -41.45 13.76 24.52
C GLU A 44 -42.04 15.07 24.01
N LYS A 45 -42.07 16.09 24.89
CA LYS A 45 -42.61 17.39 24.53
C LYS A 45 -41.90 17.96 23.30
N GLU A 46 -40.59 17.70 23.16
CA GLU A 46 -39.83 18.11 22.00
C GLU A 46 -39.99 17.14 20.83
N GLY A 47 -40.83 16.11 20.97
CA GLY A 47 -41.06 15.15 19.91
C GLY A 47 -39.93 14.16 19.67
N LYS A 48 -38.89 14.19 20.50
CA LYS A 48 -37.70 13.38 20.25
C LYS A 48 -37.95 11.91 20.53
N ILE A 49 -38.98 11.58 21.32
CA ILE A 49 -39.41 10.21 21.57
C ILE A 49 -40.93 10.22 21.70
N SER A 50 -41.52 9.04 21.59
CA SER A 50 -42.98 8.91 21.61
C SER A 50 -43.38 7.63 22.33
N LYS A 51 -44.43 7.70 23.13
CA LYS A 51 -44.96 6.51 23.79
C LYS A 51 -45.46 5.54 22.73
N ILE A 52 -45.50 4.24 23.08
CA ILE A 52 -45.96 3.19 22.17
C ILE A 52 -46.86 2.22 22.92
N GLY A 53 -47.88 1.71 22.23
CA GLY A 53 -48.76 0.70 22.84
C GLY A 53 -48.18 -0.69 22.62
N PRO A 54 -47.65 -1.37 23.67
CA PRO A 54 -46.97 -2.67 23.49
C PRO A 54 -47.66 -3.61 22.51
N GLU A 55 -47.38 -3.44 21.21
CA GLU A 55 -47.94 -4.37 20.21
C GLU A 55 -46.86 -5.43 19.94
N ASN A 56 -46.43 -6.13 21.01
CA ASN A 56 -45.33 -7.12 20.85
C ASN A 56 -44.16 -6.46 20.11
N PRO A 57 -43.62 -5.31 20.55
CA PRO A 57 -42.49 -4.68 19.90
C PRO A 57 -41.23 -5.16 20.62
N TYR A 58 -40.10 -4.48 20.40
CA TYR A 58 -38.81 -4.91 20.98
C TYR A 58 -38.39 -4.25 22.30
N ASN A 59 -37.10 -4.26 22.62
CA ASN A 59 -36.66 -3.56 23.83
C ASN A 59 -35.14 -3.47 23.89
N THR A 60 -34.68 -2.43 24.60
CA THR A 60 -33.23 -2.22 24.81
C THR A 60 -33.10 -1.53 26.17
N PRO A 61 -32.10 -1.86 27.00
CA PRO A 61 -32.00 -1.30 28.34
C PRO A 61 -31.81 0.22 28.39
N VAL A 62 -31.80 0.80 29.59
CA VAL A 62 -31.59 2.26 29.77
C VAL A 62 -31.26 2.52 31.24
N PHE A 63 -30.33 3.44 31.50
CA PHE A 63 -29.91 3.71 32.91
C PHE A 63 -29.92 5.21 33.18
N ALA A 64 -29.64 5.61 34.43
CA ALA A 64 -29.67 7.02 34.80
C ALA A 64 -28.58 7.31 35.81
N ILE A 65 -27.81 8.36 35.57
CA ILE A 65 -26.65 8.67 36.39
C ILE A 65 -26.52 10.19 36.55
N LYS A 66 -26.22 10.65 37.76
CA LYS A 66 -25.95 12.07 37.99
C LYS A 66 -24.53 12.42 37.54
N LYS A 67 -24.39 13.63 37.00
CA LYS A 67 -23.12 14.07 36.41
C LYS A 67 -22.04 14.22 37.48
N LYS A 72 -27.65 18.01 38.76
CA LYS A 72 -28.35 17.63 37.54
C LYS A 72 -28.12 16.15 37.21
N TRP A 73 -29.11 15.52 36.60
CA TRP A 73 -29.04 14.13 36.17
C TRP A 73 -28.87 14.04 34.65
N ARG A 74 -28.62 12.82 34.16
CA ARG A 74 -28.51 12.53 32.73
C ARG A 74 -28.92 11.08 32.44
N LYS A 75 -29.47 10.85 31.24
CA LYS A 75 -30.02 9.57 30.80
C LYS A 75 -29.03 8.81 29.92
N LEU A 76 -29.00 7.48 30.03
CA LEU A 76 -28.12 6.62 29.23
C LEU A 76 -28.85 5.37 28.74
N VAL A 77 -28.56 4.98 27.51
CA VAL A 77 -29.13 3.80 26.88
C VAL A 77 -28.01 2.86 26.44
N ASP A 78 -28.20 1.54 26.66
CA ASP A 78 -27.25 0.51 26.21
C ASP A 78 -27.78 -0.06 24.90
N PHE A 79 -27.28 0.47 23.79
CA PHE A 79 -27.71 0.02 22.47
C PHE A 79 -26.89 -1.15 21.96
N ARG A 80 -25.98 -1.69 22.78
CA ARG A 80 -25.01 -2.65 22.28
C ARG A 80 -25.71 -3.76 21.52
N GLU A 81 -26.85 -4.22 22.01
CA GLU A 81 -27.54 -5.29 21.32
C GLU A 81 -28.22 -4.80 20.05
N LEU A 82 -28.50 -3.50 19.92
CA LEU A 82 -29.09 -3.04 18.68
C LEU A 82 -28.04 -2.78 17.62
N ASN A 83 -26.93 -2.13 17.99
CA ASN A 83 -25.86 -1.90 17.03
C ASN A 83 -25.36 -3.19 16.42
N LYS A 84 -25.45 -4.31 17.18
CA LYS A 84 -25.01 -5.58 16.63
C LYS A 84 -25.90 -6.04 15.50
N ARG A 85 -27.13 -5.52 15.42
CA ARG A 85 -28.09 -5.96 14.44
C ARG A 85 -28.34 -4.97 13.31
N THR A 86 -27.90 -3.72 13.42
CA THR A 86 -28.17 -2.78 12.33
C THR A 86 -27.04 -2.82 11.31
N GLN A 87 -27.39 -2.45 10.07
CA GLN A 87 -26.44 -2.48 8.96
C GLN A 87 -25.23 -1.59 9.22
N ASP A 88 -24.20 -1.76 8.41
CA ASP A 88 -23.00 -0.94 8.50
C ASP A 88 -23.21 0.32 7.67
N PHE A 89 -22.55 1.41 8.09
CA PHE A 89 -22.57 2.69 7.38
C PHE A 89 -21.17 3.03 6.88
N TRP A 90 -21.07 4.13 6.15
CA TRP A 90 -19.78 4.61 5.69
C TRP A 90 -19.00 5.17 6.88
N GLU A 91 -17.67 5.00 6.85
CA GLU A 91 -16.84 5.30 8.00
C GLU A 91 -16.68 6.80 8.17
N VAL A 92 -16.99 7.29 9.36
CA VAL A 92 -17.28 8.71 9.52
C VAL A 92 -16.06 9.56 9.21
N GLN A 93 -14.99 9.41 10.00
CA GLN A 93 -13.75 10.10 9.72
C GLN A 93 -12.65 9.26 10.34
N LEU A 94 -12.05 8.37 9.54
CA LEU A 94 -10.99 7.54 10.06
C LEU A 94 -9.76 8.37 10.46
N GLY A 95 -9.60 9.55 9.88
CA GLY A 95 -8.47 10.42 10.21
C GLY A 95 -8.85 11.82 10.62
N ILE A 96 -7.85 12.68 10.73
CA ILE A 96 -8.01 14.04 11.23
C ILE A 96 -7.21 14.98 10.34
N PRO A 97 -7.64 16.25 10.28
CA PRO A 97 -6.84 17.24 9.54
C PRO A 97 -5.59 17.59 10.33
N HIS A 98 -4.48 17.54 9.68
CA HIS A 98 -3.28 17.89 10.43
C HIS A 98 -3.07 19.40 10.38
N PRO A 99 -2.90 20.08 11.52
CA PRO A 99 -2.83 21.54 11.50
C PRO A 99 -1.77 22.08 10.58
N ALA A 100 -0.68 21.37 10.41
CA ALA A 100 0.38 21.78 9.50
C ALA A 100 -0.11 21.98 8.09
N GLY A 101 -1.34 21.59 7.80
CA GLY A 101 -1.85 21.67 6.45
C GLY A 101 -3.04 22.61 6.26
N LEU A 102 -3.45 23.25 7.35
CA LEU A 102 -4.45 24.28 7.27
C LEU A 102 -3.88 25.53 6.59
N LYS A 103 -4.78 26.30 5.99
CA LYS A 103 -4.44 27.58 5.38
C LYS A 103 -4.79 28.68 6.35
N LYS A 104 -3.86 29.60 6.60
CA LYS A 104 -4.10 30.69 7.54
C LYS A 104 -5.34 31.50 7.14
N LYS A 105 -6.13 31.89 8.14
CA LYS A 105 -7.23 32.81 7.95
C LYS A 105 -7.10 33.97 8.92
N LYS A 106 -7.64 35.12 8.50
CA LYS A 106 -7.64 36.28 9.38
C LYS A 106 -8.45 36.01 10.64
N SER A 107 -9.67 35.52 10.47
CA SER A 107 -10.53 35.21 11.59
C SER A 107 -11.11 33.81 11.41
N VAL A 108 -11.29 33.11 12.52
CA VAL A 108 -11.72 31.72 12.53
C VAL A 108 -12.67 31.54 13.71
N THR A 109 -13.88 31.08 13.44
CA THR A 109 -14.91 31.03 14.46
C THR A 109 -15.21 29.58 14.78
N VAL A 110 -15.34 29.26 16.06
CA VAL A 110 -15.59 27.88 16.49
C VAL A 110 -16.99 27.79 17.05
N LEU A 111 -17.84 27.03 16.38
CA LEU A 111 -19.20 26.82 16.84
C LEU A 111 -19.40 25.36 17.23
N ASP A 112 -20.30 25.12 18.18
CA ASP A 112 -20.63 23.77 18.61
C ASP A 112 -22.13 23.62 18.65
N VAL A 113 -22.64 22.59 18.01
CA VAL A 113 -24.08 22.38 17.93
C VAL A 113 -24.52 21.43 19.06
N GLY A 114 -25.34 21.94 19.97
CA GLY A 114 -25.88 21.13 21.02
C GLY A 114 -27.05 20.30 20.53
N ASP A 115 -27.24 19.15 21.16
CA ASP A 115 -28.27 18.19 20.77
C ASP A 115 -28.08 17.73 19.32
N ALA A 116 -26.84 17.77 18.84
CA ALA A 116 -26.58 17.51 17.44
C ALA A 116 -27.25 16.23 16.98
N TYR A 117 -27.26 15.21 17.82
CA TYR A 117 -27.94 14.00 17.39
C TYR A 117 -29.44 14.11 17.59
N PHE A 118 -29.87 14.85 18.59
CA PHE A 118 -31.29 14.95 18.89
C PHE A 118 -32.02 15.89 17.94
N SER A 119 -31.28 16.55 17.05
CA SER A 119 -31.86 17.50 16.14
C SER A 119 -31.97 16.95 14.72
N VAL A 120 -31.80 15.64 14.54
CA VAL A 120 -31.93 15.01 13.24
C VAL A 120 -32.98 13.89 13.35
N PRO A 121 -33.93 13.79 12.43
CA PRO A 121 -34.95 12.75 12.56
C PRO A 121 -34.43 11.38 12.17
N LEU A 122 -34.90 10.38 12.87
CA LEU A 122 -34.56 9.01 12.56
C LEU A 122 -35.66 8.41 11.71
N ASP A 123 -35.28 7.53 10.78
CA ASP A 123 -36.20 6.92 9.81
C ASP A 123 -37.46 6.37 10.49
N GLU A 124 -38.57 6.25 9.74
CA GLU A 124 -39.83 5.83 10.37
C GLU A 124 -39.93 4.32 10.52
N ASP A 125 -39.71 3.55 9.45
CA ASP A 125 -39.79 2.10 9.58
C ASP A 125 -38.73 1.54 10.54
N PHE A 126 -37.64 2.28 10.78
CA PHE A 126 -36.63 1.86 11.74
C PHE A 126 -36.89 2.38 13.13
N ARG A 127 -38.03 3.00 13.38
CA ARG A 127 -38.22 3.56 14.70
C ARG A 127 -38.56 2.51 15.74
N LYS A 128 -39.21 1.41 15.35
CA LYS A 128 -39.70 0.42 16.30
C LYS A 128 -38.57 -0.25 17.07
N TYR A 129 -37.44 -0.49 16.42
CA TYR A 129 -36.35 -1.22 17.02
C TYR A 129 -35.64 -0.44 18.11
N THR A 130 -36.00 0.81 18.35
CA THR A 130 -35.39 1.62 19.41
C THR A 130 -36.21 1.62 20.68
N ALA A 131 -37.25 0.79 20.76
CA ALA A 131 -38.17 0.81 21.88
C ALA A 131 -37.46 0.50 23.18
N PHE A 132 -37.34 1.47 24.07
CA PHE A 132 -36.85 1.23 25.41
C PHE A 132 -38.01 1.35 26.39
N THR A 133 -37.84 0.80 27.60
CA THR A 133 -38.89 0.76 28.61
C THR A 133 -38.35 1.15 29.98
N ILE A 134 -39.10 1.99 30.69
CA ILE A 134 -38.74 2.51 32.01
C ILE A 134 -39.57 1.85 33.11
N ASN A 138 -40.95 -4.93 41.55
CA ASN A 138 -40.75 -4.05 40.40
C ASN A 138 -41.81 -2.96 40.35
N ASN A 139 -42.47 -2.73 41.49
CA ASN A 139 -43.67 -1.90 41.63
C ASN A 139 -44.65 -2.12 40.47
N GLU A 140 -44.72 -3.37 39.98
CA GLU A 140 -45.49 -3.79 38.81
C GLU A 140 -45.52 -2.70 37.76
N THR A 141 -44.34 -2.13 37.47
CA THR A 141 -44.24 -0.87 36.73
C THR A 141 -45.08 -0.94 35.47
N PRO A 142 -45.90 0.07 35.19
CA PRO A 142 -46.77 0.00 34.01
C PRO A 142 -45.95 -0.08 32.73
N GLY A 143 -44.61 0.00 32.85
CA GLY A 143 -43.73 -0.15 31.72
C GLY A 143 -43.99 0.96 30.72
N ILE A 144 -43.58 2.18 31.02
CA ILE A 144 -43.99 3.26 30.14
C ILE A 144 -43.15 3.16 28.87
N ARG A 145 -43.66 2.41 27.88
CA ARG A 145 -42.92 2.11 26.66
C ARG A 145 -42.75 3.36 25.81
N TYR A 146 -41.51 3.63 25.41
CA TYR A 146 -41.17 4.77 24.58
C TYR A 146 -40.52 4.27 23.29
N GLN A 147 -40.13 5.21 22.43
CA GLN A 147 -39.53 4.86 21.14
C GLN A 147 -38.91 6.09 20.54
N TYR A 148 -37.65 6.02 20.14
CA TYR A 148 -36.98 7.22 19.68
C TYR A 148 -37.57 7.70 18.36
N ASN A 149 -37.45 9.02 18.12
CA ASN A 149 -37.79 9.64 16.83
C ASN A 149 -36.63 10.36 16.19
N VAL A 150 -35.59 10.72 16.94
CA VAL A 150 -34.38 11.27 16.38
C VAL A 150 -33.23 10.28 16.60
N LEU A 151 -32.09 10.54 15.93
CA LEU A 151 -30.86 9.78 16.10
C LEU A 151 -30.62 9.58 17.59
N PRO A 152 -30.72 8.34 18.09
CA PRO A 152 -30.44 8.10 19.50
C PRO A 152 -28.95 8.14 19.74
N GLN A 153 -28.57 8.66 20.90
CA GLN A 153 -27.17 8.72 21.23
C GLN A 153 -26.66 7.34 21.60
N GLY A 154 -25.46 7.03 21.12
CA GLY A 154 -24.92 5.70 21.24
C GLY A 154 -25.16 4.80 20.05
N TRP A 155 -26.23 5.03 19.28
CA TRP A 155 -26.58 4.11 18.20
C TRP A 155 -25.56 4.12 17.07
N LYS A 156 -25.41 2.95 16.45
CA LYS A 156 -24.38 2.71 15.43
C LYS A 156 -24.40 3.74 14.31
N GLY A 157 -25.61 4.16 13.87
CA GLY A 157 -25.79 5.02 12.71
C GLY A 157 -25.76 6.53 12.95
N SER A 158 -25.73 7.00 14.19
CA SER A 158 -25.78 8.43 14.42
C SER A 158 -24.58 9.19 13.86
N PRO A 159 -23.32 8.86 14.16
CA PRO A 159 -22.25 9.74 13.66
C PRO A 159 -22.27 9.90 12.15
N ALA A 160 -22.54 8.83 11.40
CA ALA A 160 -22.52 8.91 9.95
C ALA A 160 -23.68 9.76 9.44
N ILE A 161 -24.88 9.46 9.91
CA ILE A 161 -26.07 10.12 9.40
C ILE A 161 -26.04 11.60 9.73
N PHE A 162 -25.78 11.94 11.00
CA PHE A 162 -25.68 13.34 11.39
C PHE A 162 -24.68 14.10 10.54
N GLN A 163 -23.52 13.50 10.29
CA GLN A 163 -22.56 14.18 9.44
C GLN A 163 -23.15 14.46 8.07
N SER A 164 -23.99 13.54 7.55
CA SER A 164 -24.56 13.72 6.22
C SER A 164 -25.63 14.79 6.23
N SER A 165 -26.54 14.72 7.20
CA SER A 165 -27.53 15.78 7.37
C SER A 165 -26.85 17.13 7.50
N MET A 166 -25.94 17.26 8.46
CA MET A 166 -25.21 18.51 8.63
C MET A 166 -24.63 18.98 7.31
N THR A 167 -24.09 18.06 6.52
CA THR A 167 -23.48 18.44 5.25
C THR A 167 -24.52 19.02 4.28
N LYS A 168 -25.72 18.44 4.23
CA LYS A 168 -26.75 18.92 3.30
C LYS A 168 -27.32 20.25 3.76
N ILE A 169 -27.58 20.38 5.05
CA ILE A 169 -28.03 21.60 5.70
C ILE A 169 -27.07 22.73 5.36
N LEU A 170 -25.83 22.42 5.07
CA LEU A 170 -24.88 23.47 4.77
C LEU A 170 -24.80 23.80 3.29
N GLU A 171 -25.38 22.99 2.41
CA GLU A 171 -25.21 23.12 0.96
C GLU A 171 -25.79 24.40 0.37
N PRO A 172 -26.95 24.90 0.84
CA PRO A 172 -27.37 26.27 0.47
C PRO A 172 -26.40 27.37 0.90
N PHE A 173 -25.96 27.32 2.16
CA PHE A 173 -25.18 28.43 2.69
C PHE A 173 -23.80 28.52 2.05
N ALA A 174 -23.20 27.38 1.73
CA ALA A 174 -21.85 27.41 1.16
C ALA A 174 -21.84 27.84 -0.30
N ALA A 175 -22.98 27.82 -0.99
CA ALA A 175 -23.06 28.39 -2.32
C ALA A 175 -23.43 29.86 -2.28
N GLN A 176 -24.13 30.27 -1.22
CA GLN A 176 -24.47 31.69 -1.05
C GLN A 176 -23.25 32.50 -0.65
N ASN A 177 -22.31 31.89 0.08
CA ASN A 177 -21.16 32.60 0.62
C ASN A 177 -19.89 31.83 0.33
N PRO A 178 -19.52 31.69 -0.95
CA PRO A 178 -18.38 30.84 -1.31
C PRO A 178 -17.03 31.35 -0.84
N ASP A 179 -16.96 32.53 -0.21
CA ASP A 179 -15.70 33.12 0.21
C ASP A 179 -15.30 32.72 1.63
N ILE A 180 -16.15 31.98 2.34
CA ILE A 180 -15.83 31.52 3.69
C ILE A 180 -15.65 30.01 3.63
N VAL A 181 -14.91 29.45 4.59
CA VAL A 181 -14.57 28.04 4.58
C VAL A 181 -14.99 27.40 5.89
N ILE A 182 -15.80 26.35 5.81
CA ILE A 182 -16.25 25.60 6.97
C ILE A 182 -15.64 24.21 6.94
N TYR A 183 -15.12 23.77 8.09
CA TYR A 183 -14.70 22.40 8.31
C TYR A 183 -15.72 21.73 9.20
N GLN A 184 -16.14 20.52 8.88
CA GLN A 184 -16.95 19.73 9.79
C GLN A 184 -16.06 18.80 10.61
N TYR A 185 -16.38 18.67 11.89
CA TYR A 185 -15.69 17.67 12.73
C TYR A 185 -16.64 17.30 13.88
N MET A 186 -17.34 16.18 13.71
CA MET A 186 -18.26 15.70 14.77
C MET A 186 -19.30 16.77 15.08
N ASP A 187 -19.38 17.21 16.34
CA ASP A 187 -20.43 18.19 16.73
C ASP A 187 -19.91 19.62 16.58
N ASP A 188 -18.80 19.82 15.87
CA ASP A 188 -18.27 21.17 15.77
C ASP A 188 -18.24 21.64 14.32
N LEU A 189 -18.31 22.97 14.15
CA LEU A 189 -18.02 23.63 12.89
C LEU A 189 -16.93 24.68 13.13
N TYR A 190 -15.93 24.67 12.28
CA TYR A 190 -14.87 25.64 12.36
C TYR A 190 -14.98 26.46 11.08
N VAL A 191 -15.30 27.73 11.27
CA VAL A 191 -15.52 28.63 10.11
C VAL A 191 -14.40 29.67 10.13
N GLY A 192 -13.90 30.03 8.95
CA GLY A 192 -12.79 30.95 8.87
C GLY A 192 -12.76 31.75 7.60
N SER A 193 -12.74 33.07 7.70
CA SER A 193 -12.81 33.89 6.52
C SER A 193 -11.60 34.80 6.48
N ASP A 194 -11.41 35.42 5.32
CA ASP A 194 -10.44 36.48 5.19
C ASP A 194 -11.08 37.86 5.00
N LEU A 195 -12.41 37.97 5.09
CA LEU A 195 -13.08 39.25 5.06
C LEU A 195 -13.06 39.90 6.45
N GLU A 196 -13.45 41.19 6.50
CA GLU A 196 -13.30 42.02 7.69
C GLU A 196 -13.95 41.37 8.91
N ILE A 197 -13.43 41.73 10.09
CA ILE A 197 -13.91 41.17 11.36
C ILE A 197 -15.29 41.68 11.73
N GLY A 198 -15.77 42.70 11.04
CA GLY A 198 -17.14 43.12 11.20
C GLY A 198 -18.01 42.33 10.25
N GLN A 199 -17.53 42.14 9.02
CA GLN A 199 -18.23 41.28 8.08
C GLN A 199 -18.31 39.84 8.60
N HIS A 200 -17.24 39.39 9.28
CA HIS A 200 -17.21 38.06 9.87
C HIS A 200 -18.33 37.89 10.88
N ARG A 201 -18.34 38.67 11.96
CA ARG A 201 -19.39 38.54 12.95
C ARG A 201 -20.78 38.50 12.31
N THR A 202 -20.93 39.12 11.13
CA THR A 202 -22.21 39.15 10.43
C THR A 202 -22.50 37.81 9.76
N LYS A 203 -21.58 37.33 8.93
CA LYS A 203 -21.75 36.04 8.28
C LYS A 203 -21.98 34.93 9.30
N ILE A 204 -21.23 34.95 10.40
CA ILE A 204 -21.47 34.00 11.47
C ILE A 204 -22.91 34.08 11.93
N GLU A 205 -23.40 35.30 12.17
CA GLU A 205 -24.75 35.46 12.68
C GLU A 205 -25.79 34.97 11.67
N GLU A 206 -25.52 35.16 10.38
CA GLU A 206 -26.38 34.60 9.35
C GLU A 206 -26.46 33.08 9.48
N LEU A 207 -25.29 32.43 9.51
CA LEU A 207 -25.24 30.97 9.50
C LEU A 207 -25.90 30.37 10.73
N ARG A 208 -25.59 30.91 11.92
CA ARG A 208 -26.23 30.42 13.13
C ARG A 208 -27.75 30.41 12.97
N GLN A 209 -28.30 31.48 12.39
CA GLN A 209 -29.73 31.58 12.20
C GLN A 209 -30.22 30.64 11.10
N HIS A 210 -29.40 30.43 10.07
CA HIS A 210 -29.74 29.44 9.05
C HIS A 210 -29.80 28.04 9.66
N LEU A 211 -28.76 27.66 10.39
CA LEU A 211 -28.77 26.38 11.09
C LEU A 211 -30.02 26.25 11.94
N LEU A 212 -30.35 27.31 12.68
CA LEU A 212 -31.47 27.23 13.60
C LEU A 212 -32.80 27.10 12.86
N ARG A 213 -32.88 27.55 11.60
CA ARG A 213 -34.07 27.32 10.80
C ARG A 213 -34.24 25.87 10.44
N TRP A 214 -33.19 25.08 10.61
CA TRP A 214 -33.21 23.64 10.45
C TRP A 214 -33.32 22.90 11.78
N GLY A 215 -32.79 23.47 12.86
CA GLY A 215 -32.97 22.89 14.18
C GLY A 215 -31.72 22.89 15.05
N LEU A 216 -30.66 23.50 14.57
CA LEU A 216 -29.33 23.34 15.16
C LEU A 216 -28.92 24.57 15.96
N THR A 217 -29.05 24.46 17.28
CA THR A 217 -28.66 25.52 18.20
C THR A 217 -27.15 25.73 18.21
N THR A 218 -26.71 26.97 18.47
CA THR A 218 -25.26 27.28 18.37
C THR A 218 -24.82 28.22 19.50
N PRO A 219 -23.50 28.33 19.79
CA PRO A 219 -23.01 29.18 20.88
C PRO A 219 -23.66 30.57 20.90
N ASP A 220 -24.09 31.02 22.08
CA ASP A 220 -24.74 32.35 22.20
C ASP A 220 -23.67 33.42 22.40
N LYS A 221 -23.02 33.44 23.58
CA LYS A 221 -21.96 34.44 23.87
C LYS A 221 -21.09 34.58 22.63
N LYS A 222 -21.44 35.50 21.73
CA LYS A 222 -20.69 35.62 20.45
C LYS A 222 -20.46 34.21 19.91
N HIS A 223 -19.26 33.95 19.38
CA HIS A 223 -18.91 32.61 18.88
C HIS A 223 -18.32 31.80 20.03
N GLN A 224 -18.18 32.44 21.19
CA GLN A 224 -17.64 31.75 22.39
C GLN A 224 -16.15 31.47 22.20
N LYS A 225 -15.79 30.26 21.77
CA LYS A 225 -14.35 29.88 21.69
C LYS A 225 -13.49 31.02 21.16
N GLU A 226 -12.54 31.51 21.97
CA GLU A 226 -11.57 32.54 21.50
C GLU A 226 -10.20 31.87 21.58
N PRO A 227 -9.26 32.11 20.63
CA PRO A 227 -8.00 31.32 20.63
C PRO A 227 -7.17 31.58 21.87
N PRO A 228 -6.11 30.77 22.13
CA PRO A 228 -5.66 29.57 21.38
C PRO A 228 -6.62 28.42 21.63
N PHE A 229 -6.76 27.56 20.63
CA PHE A 229 -7.77 26.50 20.65
C PHE A 229 -7.13 25.21 21.12
N LEU A 230 -7.78 24.55 22.07
CA LEU A 230 -7.34 23.24 22.55
C LEU A 230 -8.09 22.19 21.74
N TRP A 231 -7.51 21.80 20.60
CA TRP A 231 -8.20 20.95 19.66
C TRP A 231 -7.46 19.63 19.44
N MET A 232 -8.06 18.53 19.89
CA MET A 232 -7.57 17.18 19.61
C MET A 232 -6.07 17.05 19.95
N GLY A 233 -5.73 17.44 21.18
CA GLY A 233 -4.34 17.50 21.59
C GLY A 233 -3.46 18.43 20.77
N TYR A 234 -3.99 19.56 20.35
CA TYR A 234 -3.15 20.57 19.75
C TYR A 234 -3.43 21.89 20.45
N GLU A 235 -2.54 22.84 20.25
CA GLU A 235 -2.79 24.24 20.57
C GLU A 235 -2.73 24.99 19.26
N LEU A 236 -3.83 25.62 18.89
CA LEU A 236 -3.94 26.38 17.66
C LEU A 236 -3.91 27.86 18.04
N HIS A 237 -2.83 28.47 17.74
CA HIS A 237 -2.75 29.91 17.92
C HIS A 237 -3.01 30.59 16.58
N PRO A 238 -3.61 31.78 16.63
CA PRO A 238 -4.00 32.49 15.40
C PRO A 238 -2.94 32.56 14.31
N ASP A 239 -1.68 32.37 14.68
CA ASP A 239 -0.64 32.23 13.68
C ASP A 239 0.36 31.12 14.00
N LYS A 240 0.19 30.39 15.09
CA LYS A 240 1.10 29.31 15.43
C LYS A 240 0.29 28.10 15.84
N TRP A 241 0.86 26.92 15.60
CA TRP A 241 0.29 25.66 16.08
C TRP A 241 1.39 24.95 16.83
N THR A 242 0.98 24.26 17.90
CA THR A 242 1.94 23.46 18.63
C THR A 242 1.14 22.40 19.37
N VAL A 243 1.86 21.34 19.80
CA VAL A 243 1.20 20.28 20.54
C VAL A 243 0.80 20.80 21.91
N GLN A 244 -0.26 20.22 22.47
CA GLN A 244 -0.58 20.47 23.86
C GLN A 244 0.53 19.93 24.77
N PRO A 245 0.68 20.43 26.00
CA PRO A 245 1.91 20.20 26.75
C PRO A 245 2.03 18.76 27.24
N ILE A 246 3.28 18.30 27.32
CA ILE A 246 3.59 16.90 27.57
C ILE A 246 4.33 16.74 28.90
N VAL A 247 3.91 15.74 29.68
CA VAL A 247 4.47 15.44 30.98
C VAL A 247 4.99 14.00 30.92
N LEU A 248 6.31 13.85 30.78
CA LEU A 248 6.94 12.53 30.83
C LEU A 248 7.18 12.14 32.27
N PRO A 249 6.57 11.06 32.77
CA PRO A 249 6.69 10.74 34.19
C PRO A 249 8.12 10.41 34.61
N GLU A 250 8.36 10.51 35.91
CA GLU A 250 9.63 10.15 36.53
C GLU A 250 9.34 9.00 37.48
N LYS A 251 9.82 7.80 37.14
CA LYS A 251 9.49 6.63 37.92
C LYS A 251 10.75 5.81 38.21
N ASP A 252 10.71 5.12 39.36
CA ASP A 252 11.74 4.16 39.73
C ASP A 252 11.57 2.85 38.99
N SER A 253 10.33 2.39 38.83
CA SER A 253 9.99 1.19 38.07
C SER A 253 9.12 1.56 36.87
N TRP A 254 9.24 0.75 35.81
CA TRP A 254 8.54 0.98 34.56
C TRP A 254 7.79 -0.29 34.16
N THR A 255 6.54 -0.14 33.79
CA THR A 255 5.69 -1.26 33.40
C THR A 255 5.35 -1.14 31.92
N VAL A 256 4.84 -2.23 31.33
CA VAL A 256 4.49 -2.20 29.91
C VAL A 256 3.48 -1.09 29.64
N ASN A 257 2.46 -0.99 30.49
CA ASN A 257 1.49 0.10 30.37
C ASN A 257 2.21 1.45 30.35
N ASP A 258 3.22 1.60 31.21
CA ASP A 258 3.93 2.87 31.33
C ASP A 258 4.86 3.12 30.15
N ILE A 259 5.48 2.08 29.60
CA ILE A 259 6.40 2.33 28.48
C ILE A 259 5.65 2.55 27.18
N GLN A 260 4.43 2.03 27.05
CA GLN A 260 3.64 2.34 25.87
C GLN A 260 3.05 3.74 25.96
N LYS A 261 2.50 4.10 27.12
CA LYS A 261 2.01 5.47 27.31
C LYS A 261 3.12 6.47 27.08
N LEU A 262 4.34 6.11 27.46
CA LEU A 262 5.47 6.99 27.24
C LEU A 262 5.78 7.13 25.76
N VAL A 263 5.83 6.01 25.05
CA VAL A 263 6.19 6.06 23.63
C VAL A 263 5.03 6.52 22.76
N GLY A 264 3.80 6.52 23.29
CA GLY A 264 2.74 7.30 22.67
C GLY A 264 3.03 8.78 22.75
N LYS A 265 3.27 9.27 23.98
CA LYS A 265 3.55 10.68 24.17
C LYS A 265 4.76 11.13 23.36
N LEU A 266 5.78 10.28 23.25
CA LEU A 266 6.96 10.70 22.52
C LEU A 266 6.70 10.81 21.03
N ASN A 267 5.89 9.89 20.49
CA ASN A 267 5.45 9.99 19.10
C ASN A 267 4.59 11.22 18.88
N TRP A 268 3.65 11.48 19.78
CA TRP A 268 2.81 12.67 19.65
C TRP A 268 3.64 13.92 19.55
N ALA A 269 4.81 13.95 20.19
CA ALA A 269 5.62 15.14 20.17
C ALA A 269 6.53 15.21 18.97
N SER A 270 6.78 14.07 18.32
CA SER A 270 7.77 14.04 17.22
C SER A 270 7.32 14.91 16.05
N GLN A 271 6.04 15.27 15.99
CA GLN A 271 5.56 15.99 14.82
C GLN A 271 6.03 17.42 14.82
N ILE A 272 6.27 18.02 15.98
CA ILE A 272 6.75 19.41 16.02
C ILE A 272 8.04 19.60 16.82
N TYR A 273 8.42 18.71 17.74
CA TYR A 273 9.69 18.85 18.44
C TYR A 273 10.75 18.06 17.70
N PRO A 274 11.66 18.71 16.97
CA PRO A 274 12.63 17.95 16.18
C PRO A 274 13.57 17.20 17.08
N GLY A 275 14.05 16.07 16.57
CA GLY A 275 15.10 15.31 17.23
C GLY A 275 14.66 14.19 18.13
N ILE A 276 13.36 13.99 18.33
CA ILE A 276 12.90 12.90 19.18
C ILE A 276 13.47 11.56 18.69
N LYS A 277 13.72 10.66 19.63
CA LYS A 277 14.12 9.27 19.38
C LYS A 277 13.29 8.36 20.26
N VAL A 278 12.82 7.25 19.69
CA VAL A 278 12.08 6.27 20.49
C VAL A 278 12.56 4.85 20.21
N ARG A 279 13.79 4.70 19.72
CA ARG A 279 14.24 3.39 19.25
C ARG A 279 14.47 2.43 20.40
N GLN A 280 15.45 2.73 21.28
CA GLN A 280 15.78 1.83 22.38
C GLN A 280 14.67 1.73 23.41
N LEU A 281 13.72 2.67 23.39
CA LEU A 281 12.58 2.62 24.30
C LEU A 281 11.60 1.54 23.89
N SER A 282 11.27 1.47 22.60
CA SER A 282 10.33 0.48 22.09
C SER A 282 10.94 -0.90 21.91
N LYS A 283 12.27 -0.98 21.79
CA LYS A 283 12.95 -2.28 21.87
C LYS A 283 12.55 -2.99 23.15
N LEU A 284 12.33 -2.23 24.23
CA LEU A 284 11.89 -2.81 25.48
C LEU A 284 10.53 -3.48 25.33
N LEU A 285 9.69 -2.95 24.44
CA LEU A 285 8.33 -3.47 24.30
C LEU A 285 8.29 -4.84 23.63
N ARG A 286 9.40 -5.34 23.09
CA ARG A 286 9.39 -6.68 22.54
C ARG A 286 9.07 -7.73 23.60
N GLY A 287 9.24 -7.40 24.87
CA GLY A 287 8.69 -8.21 25.95
C GLY A 287 7.26 -7.83 26.20
N THR A 288 6.47 -7.73 25.11
CA THR A 288 5.08 -7.31 25.15
C THR A 288 4.22 -8.38 25.80
N LYS A 289 4.87 -9.42 26.30
CA LYS A 289 4.16 -10.60 26.78
C LYS A 289 3.02 -10.24 27.72
N ALA A 290 3.25 -9.29 28.62
CA ALA A 290 2.20 -8.87 29.54
C ALA A 290 2.02 -7.37 29.45
N LEU A 291 1.11 -6.86 30.27
CA LEU A 291 0.78 -5.45 30.30
C LEU A 291 1.24 -4.76 31.58
N THR A 292 1.22 -5.47 32.69
CA THR A 292 1.70 -4.92 33.95
C THR A 292 3.05 -5.50 34.36
N GLU A 293 3.69 -6.28 33.49
CA GLU A 293 4.99 -6.88 33.78
C GLU A 293 6.07 -5.80 33.83
N VAL A 294 6.84 -5.76 34.92
CA VAL A 294 7.88 -4.74 35.04
C VAL A 294 8.99 -5.04 34.05
N ILE A 295 9.39 -4.02 33.32
CA ILE A 295 10.52 -4.11 32.39
C ILE A 295 11.62 -3.20 32.92
N PRO A 296 12.80 -3.72 33.25
CA PRO A 296 13.91 -2.85 33.66
C PRO A 296 14.45 -2.04 32.48
N LEU A 297 14.61 -0.73 32.69
CA LEU A 297 15.17 0.10 31.65
C LEU A 297 16.57 -0.36 31.30
N THR A 298 17.03 0.04 30.13
CA THR A 298 18.40 -0.21 29.72
C THR A 298 19.19 1.09 29.77
N GLU A 299 20.50 0.99 29.52
CA GLU A 299 21.33 2.18 29.57
C GLU A 299 21.02 3.11 28.41
N GLU A 300 20.88 2.55 27.19
CA GLU A 300 20.51 3.35 26.03
C GLU A 300 19.12 3.95 26.19
N ALA A 301 18.18 3.17 26.73
CA ALA A 301 16.84 3.68 27.02
C ALA A 301 16.88 4.86 27.98
N GLU A 302 17.52 4.69 29.14
CA GLU A 302 17.49 5.78 30.11
C GLU A 302 18.20 7.02 29.58
N LEU A 303 19.21 6.85 28.71
CA LEU A 303 19.81 8.00 28.03
C LEU A 303 18.83 8.61 27.04
N GLU A 304 18.16 7.76 26.25
CA GLU A 304 17.24 8.28 25.24
C GLU A 304 16.16 9.12 25.88
N LEU A 305 15.51 8.58 26.91
CA LEU A 305 14.48 9.34 27.61
C LEU A 305 15.04 10.62 28.21
N ALA A 306 16.34 10.64 28.51
CA ALA A 306 16.97 11.84 29.02
C ALA A 306 17.17 12.87 27.92
N GLU A 307 17.64 12.45 26.74
CA GLU A 307 17.73 13.37 25.61
C GLU A 307 16.36 13.88 25.18
N ASN A 308 15.31 13.06 25.32
CA ASN A 308 13.96 13.53 25.00
C ASN A 308 13.52 14.61 25.98
N ARG A 309 13.91 14.47 27.25
CA ARG A 309 13.58 15.51 28.21
C ARG A 309 14.25 16.83 27.85
N GLU A 310 15.47 16.76 27.34
CA GLU A 310 16.20 17.98 27.04
C GLU A 310 15.53 18.75 25.92
N ILE A 311 14.94 18.02 24.95
CA ILE A 311 14.26 18.65 23.83
C ILE A 311 13.00 19.37 24.29
N LEU A 312 12.20 18.71 25.14
CA LEU A 312 10.90 19.24 25.51
C LEU A 312 10.99 20.42 26.47
N LYS A 313 12.07 20.51 27.25
CA LYS A 313 12.17 21.55 28.27
C LYS A 313 11.88 22.93 27.68
N GLU A 314 12.43 23.25 26.44
CA GLU A 314 12.01 24.51 25.81
C GLU A 314 10.95 24.24 24.73
N PRO A 315 9.85 24.99 24.70
CA PRO A 315 8.78 24.71 23.74
C PRO A 315 9.04 25.34 22.38
N VAL A 316 8.70 24.59 21.34
CA VAL A 316 8.79 25.06 19.96
C VAL A 316 7.45 24.76 19.30
N HIS A 317 7.21 25.44 18.19
CA HIS A 317 5.88 25.61 17.64
C HIS A 317 5.93 25.42 16.12
N GLY A 318 4.76 25.27 15.52
CA GLY A 318 4.68 25.12 14.08
C GLY A 318 3.89 26.21 13.36
N VAL A 319 4.22 26.37 12.08
CA VAL A 319 3.60 27.36 11.21
C VAL A 319 2.52 26.69 10.38
N TYR A 320 1.66 27.50 9.76
CA TYR A 320 0.56 27.00 8.95
C TYR A 320 0.99 26.89 7.48
N TYR A 321 0.06 26.46 6.63
CA TYR A 321 0.35 26.25 5.23
C TYR A 321 -0.01 27.49 4.43
N ASP A 322 0.83 27.80 3.43
CA ASP A 322 0.57 28.91 2.49
C ASP A 322 0.77 28.33 1.09
N PRO A 323 -0.31 28.00 0.35
CA PRO A 323 -0.20 27.28 -0.93
C PRO A 323 0.66 27.97 -1.95
N SER A 324 0.87 29.26 -1.77
CA SER A 324 1.63 30.05 -2.78
C SER A 324 3.14 29.85 -2.59
N LYS A 325 3.54 29.28 -1.45
CA LYS A 325 4.97 29.08 -1.15
C LYS A 325 5.32 27.60 -1.31
N ASP A 326 6.51 27.29 -1.84
CA ASP A 326 6.90 25.89 -2.11
C ASP A 326 6.94 25.07 -0.82
N LEU A 327 7.03 23.74 -0.96
CA LEU A 327 7.11 22.83 0.22
C LEU A 327 8.47 22.14 0.20
N ILE A 328 9.17 22.12 1.34
CA ILE A 328 10.52 21.57 1.36
C ILE A 328 10.69 20.58 2.51
N ALA A 329 11.61 19.63 2.31
CA ALA A 329 11.84 18.56 3.27
C ALA A 329 13.34 18.31 3.41
N GLU A 330 13.80 18.24 4.65
CA GLU A 330 15.19 17.94 4.96
C GLU A 330 15.24 16.72 5.88
N ILE A 331 16.15 15.80 5.59
CA ILE A 331 16.33 14.56 6.35
C ILE A 331 17.75 14.53 6.91
N GLN A 332 17.87 14.38 8.22
CA GLN A 332 19.18 14.34 8.85
C GLN A 332 19.31 13.09 9.70
N LYS A 333 20.52 12.52 9.71
CA LYS A 333 20.81 11.22 10.31
C LYS A 333 21.05 11.39 11.81
N GLN A 334 20.56 10.45 12.61
CA GLN A 334 20.71 10.56 14.08
C GLN A 334 21.60 9.43 14.57
N GLY A 335 21.42 8.23 14.01
CA GLY A 335 22.25 7.07 14.38
C GLY A 335 21.41 5.87 14.76
N GLN A 336 22.04 4.71 14.95
CA GLN A 336 21.31 3.51 15.39
C GLN A 336 20.01 3.38 14.59
N GLY A 337 20.08 3.63 13.28
CA GLY A 337 18.89 3.52 12.43
C GLY A 337 17.84 4.53 12.82
N GLN A 338 18.25 5.77 13.08
CA GLN A 338 17.27 6.82 13.39
C GLN A 338 17.55 8.09 12.59
N TRP A 339 16.49 8.66 12.04
CA TRP A 339 16.54 9.83 11.18
C TRP A 339 15.39 10.75 11.56
N THR A 340 15.63 12.05 11.49
CA THR A 340 14.58 13.03 11.68
C THR A 340 14.46 13.82 10.39
N TYR A 341 13.26 14.35 10.16
CA TYR A 341 13.02 15.26 9.05
C TYR A 341 12.28 16.50 9.54
N GLN A 342 12.40 17.59 8.78
CA GLN A 342 11.60 18.79 8.96
C GLN A 342 11.00 19.21 7.62
N ILE A 343 9.71 19.58 7.62
CA ILE A 343 9.04 20.11 6.43
C ILE A 343 8.68 21.56 6.72
N TYR A 344 9.13 22.46 5.84
CA TYR A 344 8.98 23.89 6.01
C TYR A 344 8.77 24.55 4.66
N GLN A 345 8.17 25.72 4.68
CA GLN A 345 8.23 26.61 3.53
C GLN A 345 9.28 27.69 3.69
N GLU A 346 9.65 28.01 4.94
CA GLU A 346 10.48 29.14 5.35
C GLU A 346 11.61 28.70 6.27
N PRO A 347 12.78 29.34 6.19
CA PRO A 347 13.98 28.74 6.75
C PRO A 347 13.89 28.45 8.23
N PHE A 348 13.14 29.25 8.98
CA PHE A 348 13.09 29.04 10.41
C PHE A 348 11.74 28.55 10.92
N LYS A 349 10.72 28.58 10.09
CA LYS A 349 9.36 28.22 10.47
C LYS A 349 9.07 26.81 9.97
N ASN A 350 9.07 25.83 10.89
CA ASN A 350 8.70 24.47 10.55
C ASN A 350 7.19 24.34 10.29
N LEU A 351 6.83 23.59 9.23
CA LEU A 351 5.44 23.18 9.07
C LEU A 351 5.13 21.98 9.96
N LYS A 352 5.98 20.94 9.90
CA LYS A 352 6.03 19.90 10.92
C LYS A 352 7.35 19.16 10.86
N THR A 353 7.55 18.23 11.80
CA THR A 353 8.72 17.35 11.88
C THR A 353 8.26 15.93 12.11
N GLY A 354 9.22 15.02 12.20
CA GLY A 354 8.90 13.64 12.44
C GLY A 354 10.14 12.80 12.28
N LYS A 355 10.02 11.51 12.60
CA LYS A 355 11.22 10.65 12.60
C LYS A 355 11.01 9.35 11.83
N TYR A 356 12.09 8.75 11.35
CA TYR A 356 12.00 7.41 10.70
C TYR A 356 13.10 6.55 11.28
N ALA A 357 12.76 5.38 11.81
CA ALA A 357 13.78 4.54 12.48
C ALA A 357 13.62 3.08 12.03
N ARG A 358 12.45 2.74 11.51
CA ARG A 358 12.19 1.34 11.11
C ARG A 358 13.42 0.81 10.37
N MET A 359 13.82 -0.42 10.67
CA MET A 359 14.96 -1.04 10.00
C MET A 359 14.55 -1.97 8.86
N ARG A 360 13.30 -2.45 8.86
CA ARG A 360 12.80 -3.41 7.87
C ARG A 360 13.74 -4.60 7.74
N GLY A 361 14.01 -5.25 8.87
CA GLY A 361 14.88 -6.40 8.93
C GLY A 361 15.90 -6.23 10.03
N ALA A 362 16.94 -7.04 9.96
CA ALA A 362 18.02 -7.01 10.94
C ALA A 362 19.30 -6.44 10.36
N HIS A 363 19.35 -6.18 9.06
CA HIS A 363 20.51 -5.59 8.41
C HIS A 363 20.00 -4.58 7.39
N THR A 364 20.44 -3.34 7.49
CA THR A 364 20.07 -2.30 6.53
C THR A 364 21.28 -1.42 6.29
N ASN A 365 21.24 -0.68 5.20
CA ASN A 365 22.31 0.26 4.97
C ASN A 365 21.74 1.68 4.93
N ASP A 366 22.65 2.65 4.86
CA ASP A 366 22.27 4.03 5.11
C ASP A 366 21.48 4.61 3.97
N VAL A 367 21.87 4.29 2.73
CA VAL A 367 21.15 4.80 1.57
C VAL A 367 19.74 4.23 1.56
N LYS A 368 19.61 2.93 1.77
CA LYS A 368 18.29 2.31 1.82
C LYS A 368 17.43 2.96 2.90
N GLN A 369 17.93 3.04 4.12
CA GLN A 369 17.15 3.68 5.17
C GLN A 369 16.81 5.13 4.82
N LEU A 370 17.65 5.78 4.03
CA LEU A 370 17.27 7.14 3.61
C LEU A 370 16.24 7.10 2.52
N THR A 371 16.31 6.10 1.61
CA THR A 371 15.26 5.91 0.61
C THR A 371 13.92 5.63 1.27
N GLU A 372 13.93 4.73 2.25
CA GLU A 372 12.67 4.43 2.97
C GLU A 372 12.15 5.72 3.60
N ALA A 373 13.03 6.55 4.16
CA ALA A 373 12.57 7.75 4.87
C ALA A 373 11.84 8.69 3.93
N VAL A 374 12.49 9.07 2.85
CA VAL A 374 11.92 9.91 1.80
C VAL A 374 10.51 9.42 1.49
N GLN A 375 10.38 8.10 1.33
CA GLN A 375 9.07 7.48 1.10
C GLN A 375 8.06 7.94 2.15
N LYS A 376 8.33 7.65 3.42
CA LYS A 376 7.40 8.00 4.50
C LYS A 376 7.00 9.45 4.43
N ILE A 377 7.87 10.29 3.89
CA ILE A 377 7.57 11.70 3.81
C ILE A 377 6.67 11.97 2.62
N THR A 378 6.97 11.34 1.48
CA THR A 378 6.15 11.53 0.28
C THR A 378 4.71 11.16 0.56
N THR A 379 4.48 10.00 1.15
CA THR A 379 3.14 9.63 1.60
C THR A 379 2.53 10.71 2.48
N GLU A 380 3.27 11.12 3.53
CA GLU A 380 2.75 12.07 4.50
C GLU A 380 2.50 13.43 3.84
N SER A 381 3.39 13.84 2.96
CA SER A 381 3.15 15.06 2.24
C SER A 381 1.87 14.97 1.43
N ILE A 382 1.63 13.84 0.75
CA ILE A 382 0.47 13.75 -0.11
C ILE A 382 -0.81 13.73 0.70
N VAL A 383 -0.86 13.01 1.81
CA VAL A 383 -2.06 13.02 2.64
C VAL A 383 -2.35 14.41 3.16
N ILE A 384 -1.31 15.16 3.51
CA ILE A 384 -1.52 16.39 4.29
C ILE A 384 -1.76 17.61 3.41
N TRP A 385 -0.83 17.88 2.49
CA TRP A 385 -0.90 19.03 1.62
C TRP A 385 -1.33 18.70 0.22
N GLY A 386 -1.42 17.44 -0.13
CA GLY A 386 -1.85 17.10 -1.46
C GLY A 386 -0.77 17.20 -2.50
N LYS A 387 0.46 17.49 -2.09
CA LYS A 387 1.56 17.46 -3.03
C LYS A 387 2.73 16.72 -2.38
N THR A 388 3.80 16.58 -3.14
CA THR A 388 5.09 16.03 -2.77
C THR A 388 6.13 17.14 -2.69
N PRO A 389 7.03 17.13 -1.68
CA PRO A 389 7.99 18.23 -1.54
C PRO A 389 9.27 18.03 -2.35
N LYS A 390 10.01 19.13 -2.47
CA LYS A 390 11.39 19.07 -2.92
C LYS A 390 12.24 18.55 -1.77
N PHE A 391 13.10 17.59 -2.05
CA PHE A 391 13.88 16.97 -0.98
C PHE A 391 15.27 17.55 -1.00
N LYS A 392 15.74 17.98 0.18
CA LYS A 392 17.12 18.38 0.42
C LYS A 392 17.79 17.27 1.21
N LEU A 393 18.85 16.69 0.65
CA LEU A 393 19.33 15.39 1.12
C LEU A 393 20.83 15.34 1.36
N PRO A 394 21.26 14.98 2.56
CA PRO A 394 22.69 14.76 2.83
C PRO A 394 23.19 13.51 2.14
N ILE A 395 23.29 13.54 0.82
CA ILE A 395 23.87 12.40 0.11
C ILE A 395 24.32 12.93 -1.24
N GLN A 396 25.52 12.60 -1.66
CA GLN A 396 25.96 13.08 -2.95
C GLN A 396 25.15 12.39 -4.05
N LYS A 397 25.16 12.97 -5.25
CA LYS A 397 24.59 12.24 -6.37
C LYS A 397 25.40 11.00 -6.68
N GLU A 398 26.73 11.11 -6.64
CA GLU A 398 27.58 9.96 -6.89
C GLU A 398 27.28 8.81 -5.95
N THR A 399 26.86 9.13 -4.72
CA THR A 399 26.51 8.10 -3.76
C THR A 399 25.27 7.33 -4.22
N TRP A 400 24.20 8.05 -4.53
CA TRP A 400 22.90 7.42 -4.72
C TRP A 400 22.79 6.72 -6.07
N GLU A 401 23.20 7.41 -7.13
CA GLU A 401 23.31 6.82 -8.45
C GLU A 401 23.90 5.41 -8.39
N THR A 402 25.09 5.27 -7.82
CA THR A 402 25.75 3.96 -7.79
C THR A 402 24.99 2.98 -6.92
N TRP A 403 24.25 3.47 -5.93
CA TRP A 403 23.47 2.57 -5.10
C TRP A 403 22.31 1.98 -5.89
N TRP A 404 21.39 2.84 -6.38
CA TRP A 404 20.20 2.30 -7.01
C TRP A 404 20.48 1.68 -8.38
N THR A 405 21.59 2.03 -9.04
CA THR A 405 21.93 1.30 -10.26
C THR A 405 22.33 -0.13 -9.97
N GLU A 406 22.79 -0.41 -8.76
CA GLU A 406 23.21 -1.77 -8.40
C GLU A 406 22.26 -2.43 -7.43
N TYR A 407 21.30 -1.69 -6.89
CA TYR A 407 20.28 -2.28 -6.05
C TYR A 407 19.40 -3.24 -6.86
N TRP A 408 19.16 -4.43 -6.29
CA TRP A 408 18.31 -5.41 -6.96
C TRP A 408 16.83 -5.04 -6.98
N GLN A 409 16.38 -4.12 -6.12
CA GLN A 409 15.00 -3.67 -6.10
C GLN A 409 14.83 -2.44 -6.96
N ALA A 410 13.60 -2.20 -7.35
CA ALA A 410 13.29 -0.96 -8.07
C ALA A 410 12.96 0.11 -7.06
N THR A 411 13.32 1.35 -7.39
CA THR A 411 12.93 2.45 -6.53
C THR A 411 12.92 3.74 -7.30
N TRP A 412 12.24 4.72 -6.72
CA TRP A 412 11.99 5.98 -7.37
C TRP A 412 12.47 7.10 -6.48
N ILE A 413 13.46 7.84 -6.96
CA ILE A 413 14.22 8.82 -6.21
C ILE A 413 13.83 10.20 -6.72
N PRO A 414 13.04 10.97 -5.97
CA PRO A 414 12.55 12.25 -6.49
C PRO A 414 13.68 13.21 -6.78
N GLU A 415 13.35 14.32 -7.44
CA GLU A 415 14.32 15.38 -7.65
C GLU A 415 14.76 15.92 -6.29
N TRP A 416 16.07 15.97 -6.09
CA TRP A 416 16.61 16.41 -4.81
C TRP A 416 17.86 17.25 -5.06
N GLU A 417 18.15 18.10 -4.08
CA GLU A 417 19.33 18.93 -4.06
C GLU A 417 20.26 18.44 -2.97
N PHE A 418 21.55 18.33 -3.30
CA PHE A 418 22.55 17.97 -2.31
C PHE A 418 22.70 19.08 -1.27
N VAL A 419 22.83 18.68 -0.02
CA VAL A 419 23.16 19.58 1.08
C VAL A 419 24.33 18.98 1.83
N ASN A 420 25.44 19.72 1.91
CA ASN A 420 26.58 19.31 2.71
C ASN A 420 26.39 19.89 4.11
N THR A 421 26.10 19.01 5.08
CA THR A 421 25.94 19.29 6.51
C THR A 421 26.10 17.98 7.26
N PRO A 422 27.33 17.58 7.63
CA PRO A 422 27.60 16.15 7.98
C PRO A 422 26.78 15.68 9.18
N PRO A 423 26.57 14.35 9.35
CA PRO A 423 27.12 13.22 8.58
C PRO A 423 26.40 12.98 7.26
N LEU A 424 27.11 13.25 6.16
CA LEU A 424 26.63 12.89 4.85
C LEU A 424 26.47 11.37 4.77
N VAL A 425 25.47 10.92 4.01
CA VAL A 425 25.29 9.49 3.79
C VAL A 425 26.32 9.02 2.77
N LYS A 426 26.97 7.90 3.05
CA LYS A 426 27.92 7.39 2.07
C LYS A 426 27.85 5.88 1.98
N LEU A 427 28.63 5.35 1.04
CA LEU A 427 28.88 3.93 0.87
C LEU A 427 30.23 3.60 1.49
N TRP A 428 30.20 3.07 2.70
CA TRP A 428 31.43 2.81 3.43
C TRP A 428 32.29 1.74 2.77
N TYR A 429 31.71 0.91 1.92
CA TYR A 429 32.49 -0.02 1.13
C TYR A 429 31.65 -0.51 -0.04
N GLN A 430 32.35 -0.87 -1.10
CA GLN A 430 31.75 -1.62 -2.18
C GLN A 430 32.54 -2.91 -2.33
N LEU A 431 31.85 -4.01 -2.52
CA LEU A 431 32.58 -5.18 -2.96
C LEU A 431 33.01 -4.97 -4.40
N GLU A 432 33.95 -5.81 -4.84
CA GLU A 432 34.23 -5.86 -6.26
C GLU A 432 33.10 -6.60 -6.96
N LYS A 433 32.95 -6.35 -8.26
CA LYS A 433 32.13 -7.24 -9.06
C LYS A 433 32.93 -8.36 -9.70
N GLU A 434 34.27 -8.24 -9.75
CA GLU A 434 35.14 -9.24 -10.34
C GLU A 434 36.31 -9.59 -9.41
N PRO A 435 36.82 -10.82 -9.47
CA PRO A 435 37.85 -11.25 -8.49
C PRO A 435 39.17 -10.51 -8.68
N ILE A 436 39.97 -10.48 -7.60
CA ILE A 436 41.20 -9.70 -7.59
C ILE A 436 42.37 -10.54 -8.07
N VAL A 437 43.15 -9.98 -8.99
CA VAL A 437 44.26 -10.70 -9.59
C VAL A 437 45.34 -10.92 -8.55
N GLY A 438 45.79 -12.18 -8.43
CA GLY A 438 46.94 -12.53 -7.62
C GLY A 438 46.78 -12.27 -6.13
N ALA A 439 45.63 -11.74 -5.72
CA ALA A 439 45.33 -11.64 -4.30
C ALA A 439 44.86 -13.01 -3.79
N GLU A 440 45.07 -13.23 -2.51
CA GLU A 440 44.82 -14.54 -1.93
C GLU A 440 43.34 -14.86 -1.99
N THR A 441 43.02 -16.08 -2.37
CA THR A 441 41.64 -16.52 -2.43
C THR A 441 41.43 -17.57 -1.32
N PHE A 442 40.84 -17.13 -0.21
CA PHE A 442 40.44 -18.05 0.85
C PHE A 442 39.22 -18.84 0.42
N TYR A 443 39.27 -20.15 0.56
CA TYR A 443 38.04 -20.93 0.58
C TYR A 443 37.61 -21.01 2.04
N VAL A 444 36.32 -20.82 2.30
CA VAL A 444 35.82 -20.79 3.67
C VAL A 444 34.70 -21.80 3.77
N ASP A 445 34.54 -22.35 4.95
CA ASP A 445 33.30 -23.02 5.31
C ASP A 445 33.25 -23.14 6.83
N GLY A 446 32.15 -23.66 7.30
CA GLY A 446 31.88 -23.74 8.71
C GLY A 446 30.67 -24.59 8.90
N ALA A 447 30.51 -25.07 10.13
CA ALA A 447 29.39 -25.93 10.44
C ALA A 447 29.24 -25.96 11.95
N ALA A 448 28.09 -26.46 12.40
CA ALA A 448 27.83 -26.57 13.85
C ALA A 448 26.73 -27.61 14.07
N ASN A 449 27.05 -28.71 14.76
CA ASN A 449 26.04 -29.75 15.05
C ASN A 449 24.97 -29.02 15.85
N ARG A 450 23.80 -28.81 15.24
CA ARG A 450 22.68 -28.14 15.94
C ARG A 450 22.52 -28.82 17.31
N GLU A 451 22.45 -30.14 17.33
CA GLU A 451 22.35 -30.87 18.62
C GLU A 451 23.43 -30.34 19.56
N THR A 452 24.70 -30.61 19.23
CA THR A 452 25.82 -30.17 20.10
C THR A 452 25.77 -28.64 20.23
N LYS A 453 25.00 -27.99 19.36
CA LYS A 453 24.98 -26.50 19.38
C LYS A 453 26.43 -26.03 19.34
N LEU A 454 27.34 -26.90 18.91
CA LEU A 454 28.78 -26.55 18.86
C LEU A 454 29.21 -26.50 17.40
N GLY A 455 30.20 -25.66 17.08
CA GLY A 455 30.59 -25.48 15.69
C GLY A 455 32.03 -25.03 15.51
N LYS A 456 32.43 -24.97 14.24
CA LYS A 456 33.79 -24.61 13.87
C LYS A 456 33.80 -23.85 12.56
N ALA A 457 34.69 -22.87 12.45
CA ALA A 457 34.80 -22.06 11.24
C ALA A 457 36.24 -22.12 10.76
N GLY A 458 36.43 -22.50 9.48
CA GLY A 458 37.75 -22.70 8.95
C GLY A 458 37.94 -22.09 7.58
N TYR A 459 39.19 -22.10 7.13
CA TYR A 459 39.50 -21.72 5.76
C TYR A 459 40.67 -22.54 5.23
N VAL A 460 40.83 -22.51 3.91
CA VAL A 460 41.88 -23.20 3.18
C VAL A 460 42.24 -22.36 1.97
N THR A 461 43.45 -21.79 1.90
CA THR A 461 43.76 -20.84 0.82
C THR A 461 44.57 -21.46 -0.31
N ASN A 462 44.72 -20.66 -1.37
CA ASN A 462 45.55 -21.05 -2.50
C ASN A 462 47.01 -21.14 -2.08
N LYS A 463 47.46 -20.18 -1.26
CA LYS A 463 48.86 -20.15 -0.80
C LYS A 463 49.14 -21.30 0.16
N GLY A 464 48.13 -22.11 0.49
CA GLY A 464 48.35 -23.31 1.30
C GLY A 464 47.98 -23.20 2.76
N ARG A 465 47.59 -22.01 3.23
CA ARG A 465 47.19 -21.80 4.62
C ARG A 465 45.89 -22.51 4.93
N GLN A 466 45.76 -22.99 6.16
CA GLN A 466 44.53 -23.58 6.65
C GLN A 466 44.35 -23.24 8.12
N LYS A 467 43.10 -23.06 8.54
CA LYS A 467 42.79 -22.77 9.94
C LYS A 467 41.47 -23.44 10.31
N VAL A 468 41.25 -23.62 11.62
CA VAL A 468 39.95 -24.03 12.18
C VAL A 468 39.80 -23.47 13.58
N VAL A 469 38.74 -22.71 13.84
CA VAL A 469 38.53 -22.17 15.17
C VAL A 469 37.33 -22.84 15.82
N PRO A 470 37.43 -23.28 17.08
CA PRO A 470 36.28 -23.86 17.77
C PRO A 470 35.28 -22.81 18.20
N LEU A 471 33.99 -23.14 18.02
CA LEU A 471 32.88 -22.24 18.30
C LEU A 471 31.85 -22.93 19.18
N THR A 472 31.52 -22.29 20.30
CA THR A 472 30.61 -22.83 21.30
C THR A 472 29.37 -21.95 21.40
N ASN A 473 28.20 -22.60 21.45
CA ASN A 473 26.91 -21.91 21.46
C ASN A 473 26.71 -21.10 20.17
N THR A 474 26.59 -21.85 19.09
CA THR A 474 26.44 -21.30 17.77
C THR A 474 25.37 -22.09 17.01
N THR A 475 25.03 -21.59 15.84
CA THR A 475 24.19 -22.32 14.90
C THR A 475 24.85 -22.30 13.54
N ASN A 476 24.59 -23.36 12.77
CA ASN A 476 25.19 -23.62 11.46
C ASN A 476 25.21 -22.35 10.62
N GLN A 477 24.21 -21.51 10.80
CA GLN A 477 24.24 -20.20 10.16
C GLN A 477 25.30 -19.32 10.78
N LYS A 478 25.29 -19.17 12.11
CA LYS A 478 26.21 -18.22 12.73
C LYS A 478 27.67 -18.60 12.48
N THR A 479 27.97 -19.89 12.31
CA THR A 479 29.34 -20.28 12.00
C THR A 479 29.72 -19.85 10.60
N GLU A 480 28.86 -20.10 9.60
CA GLU A 480 29.33 -19.75 8.27
C GLU A 480 29.48 -18.24 8.07
N LEU A 481 29.14 -17.42 9.05
CA LEU A 481 29.53 -16.02 9.03
C LEU A 481 30.83 -15.78 9.77
N GLN A 482 31.09 -16.60 10.79
CA GLN A 482 32.41 -16.47 11.44
C GLN A 482 33.45 -16.90 10.42
N ALA A 483 33.17 -17.98 9.68
CA ALA A 483 34.08 -18.40 8.63
C ALA A 483 34.42 -17.27 7.68
N ILE A 484 33.47 -16.39 7.38
CA ILE A 484 33.83 -15.26 6.57
C ILE A 484 34.59 -14.25 7.39
N TYR A 485 34.16 -14.04 8.62
CA TYR A 485 34.89 -13.14 9.51
C TYR A 485 36.35 -13.53 9.55
N LEU A 486 36.61 -14.78 9.89
CA LEU A 486 38.01 -15.27 9.99
C LEU A 486 38.76 -14.90 8.72
N ALA A 487 38.28 -15.32 7.55
CA ALA A 487 39.02 -15.08 6.34
C ALA A 487 39.27 -13.60 6.11
N LEU A 488 38.50 -12.73 6.76
CA LEU A 488 38.79 -11.32 6.63
C LEU A 488 39.94 -10.92 7.54
N GLN A 489 39.83 -11.27 8.82
CA GLN A 489 40.83 -10.84 9.79
C GLN A 489 42.19 -11.53 9.60
N ASP A 490 42.27 -12.60 8.83
CA ASP A 490 43.55 -13.23 8.46
C ASP A 490 43.97 -12.90 7.03
N SER A 491 43.76 -11.69 6.54
CA SER A 491 43.89 -11.44 5.10
C SER A 491 44.60 -10.13 4.82
N GLY A 492 45.13 -10.02 3.61
CA GLY A 492 45.63 -8.75 3.12
C GLY A 492 44.48 -7.80 2.82
N LEU A 493 44.85 -6.60 2.36
CA LEU A 493 43.85 -5.59 2.01
C LEU A 493 43.09 -5.93 0.73
N GLU A 494 43.49 -6.99 0.01
CA GLU A 494 42.75 -7.49 -1.14
C GLU A 494 42.57 -9.00 -0.97
N VAL A 495 41.34 -9.42 -0.73
CA VAL A 495 41.04 -10.81 -0.45
C VAL A 495 39.91 -11.24 -1.38
N ASN A 496 40.01 -12.46 -1.90
CA ASN A 496 38.95 -13.18 -2.61
C ASN A 496 38.45 -14.24 -1.65
N ILE A 497 37.28 -14.03 -1.06
CA ILE A 497 36.69 -15.04 -0.20
C ILE A 497 35.71 -15.85 -1.03
N VAL A 498 35.51 -17.12 -0.67
CA VAL A 498 34.66 -18.01 -1.45
C VAL A 498 33.95 -18.99 -0.51
N THR A 499 32.60 -18.96 -0.52
CA THR A 499 31.77 -19.68 0.43
C THR A 499 30.73 -20.54 -0.31
N ASP A 500 30.27 -21.58 0.38
CA ASP A 500 29.20 -22.48 -0.03
C ASP A 500 27.84 -22.05 0.50
N SER A 501 27.82 -21.05 1.38
CA SER A 501 26.65 -20.70 2.17
C SER A 501 25.81 -19.71 1.37
N GLN A 502 24.65 -20.16 0.88
CA GLN A 502 23.70 -19.24 0.29
C GLN A 502 23.31 -18.15 1.29
N TYR A 503 23.08 -18.53 2.54
CA TYR A 503 22.74 -17.58 3.60
C TYR A 503 23.71 -16.41 3.69
N ALA A 504 24.96 -16.71 4.04
CA ALA A 504 25.92 -15.65 4.31
C ALA A 504 26.27 -14.88 3.06
N LEU A 505 26.22 -15.51 1.89
CA LEU A 505 26.34 -14.72 0.67
C LEU A 505 25.25 -13.66 0.60
N GLY A 506 24.01 -14.05 0.94
CA GLY A 506 22.90 -13.13 0.82
C GLY A 506 23.05 -11.91 1.71
N ILE A 507 23.39 -12.13 2.98
CA ILE A 507 23.57 -11.03 3.90
C ILE A 507 24.60 -10.05 3.37
N ILE A 508 25.75 -10.57 2.92
CA ILE A 508 26.85 -9.69 2.56
C ILE A 508 26.50 -8.87 1.32
N GLN A 509 25.98 -9.52 0.28
CA GLN A 509 25.85 -8.86 -1.01
C GLN A 509 24.92 -7.66 -0.93
N ALA A 510 24.05 -7.60 0.07
CA ALA A 510 23.26 -6.41 0.30
C ALA A 510 24.09 -5.26 0.81
N GLN A 511 25.34 -5.53 1.22
CA GLN A 511 26.27 -4.53 1.72
C GLN A 511 25.68 -3.73 2.87
N PRO A 512 25.33 -4.37 3.99
CA PRO A 512 24.82 -3.60 5.13
C PRO A 512 25.94 -2.82 5.77
N ASP A 513 25.65 -1.57 6.11
CA ASP A 513 26.55 -0.79 6.92
C ASP A 513 26.13 -0.76 8.40
N LYS A 514 24.96 -1.29 8.71
CA LYS A 514 24.41 -1.27 10.06
C LYS A 514 23.64 -2.56 10.26
N SER A 515 23.92 -3.29 11.33
CA SER A 515 23.13 -4.49 11.60
C SER A 515 23.06 -4.74 13.09
N GLU A 516 21.99 -5.42 13.49
CA GLU A 516 21.73 -5.79 14.87
C GLU A 516 22.20 -7.21 15.14
N SER A 517 23.34 -7.57 14.55
CA SER A 517 24.12 -8.74 14.95
C SER A 517 25.52 -8.29 15.33
N GLU A 518 25.98 -8.79 16.48
CA GLU A 518 27.34 -8.53 16.96
C GLU A 518 28.36 -9.03 15.94
N LEU A 519 28.18 -10.28 15.47
CA LEU A 519 29.08 -10.83 14.48
C LEU A 519 29.06 -10.01 13.20
N VAL A 520 27.86 -9.64 12.74
CA VAL A 520 27.77 -8.95 11.47
C VAL A 520 28.30 -7.52 11.58
N ASN A 521 28.23 -6.90 12.76
CA ASN A 521 28.90 -5.63 12.88
C ASN A 521 30.40 -5.80 12.81
N GLN A 522 30.92 -6.90 13.36
CA GLN A 522 32.35 -7.15 13.28
C GLN A 522 32.78 -7.42 11.83
N ILE A 523 31.96 -8.15 11.07
CA ILE A 523 32.28 -8.37 9.65
C ILE A 523 32.23 -7.07 8.86
N ILE A 524 31.31 -6.17 9.22
CA ILE A 524 31.26 -4.88 8.56
C ILE A 524 32.55 -4.10 8.79
N GLU A 525 33.00 -4.04 10.05
CA GLU A 525 34.20 -3.28 10.40
C GLU A 525 35.40 -3.75 9.60
N GLN A 526 35.61 -5.06 9.55
CA GLN A 526 36.69 -5.61 8.75
C GLN A 526 36.54 -5.23 7.29
N LEU A 527 35.31 -5.28 6.76
CA LEU A 527 35.10 -4.97 5.35
C LEU A 527 35.44 -3.53 5.03
N ILE A 528 35.14 -2.62 5.94
CA ILE A 528 35.56 -1.22 5.79
C ILE A 528 37.09 -1.16 5.68
N LYS A 529 37.78 -1.86 6.60
CA LYS A 529 39.23 -1.80 6.64
C LYS A 529 39.85 -2.34 5.36
N LYS A 530 39.31 -3.43 4.83
CA LYS A 530 39.82 -4.01 3.60
C LYS A 530 39.72 -2.98 2.47
N GLU A 531 40.32 -3.32 1.34
CA GLU A 531 40.34 -2.39 0.23
C GLU A 531 39.88 -2.98 -1.09
N LYS A 532 39.94 -4.29 -1.25
CA LYS A 532 39.30 -4.97 -2.37
C LYS A 532 38.86 -6.34 -1.85
N VAL A 533 37.61 -6.45 -1.49
CA VAL A 533 37.09 -7.77 -1.21
C VAL A 533 36.25 -8.17 -2.40
N TYR A 534 36.22 -9.46 -2.67
CA TYR A 534 35.33 -10.02 -3.68
C TYR A 534 34.86 -11.38 -3.20
N LEU A 535 33.57 -11.49 -2.93
CA LEU A 535 32.97 -12.74 -2.51
C LEU A 535 32.37 -13.44 -3.72
N ALA A 536 32.71 -14.71 -3.87
CA ALA A 536 32.11 -15.54 -4.90
C ALA A 536 31.50 -16.76 -4.24
N TRP A 537 30.61 -17.42 -4.97
CA TRP A 537 29.80 -18.49 -4.41
C TRP A 537 29.90 -19.72 -5.30
N VAL A 538 29.93 -20.88 -4.66
CA VAL A 538 29.96 -22.15 -5.38
C VAL A 538 29.05 -23.13 -4.69
N PRO A 539 28.44 -24.02 -5.47
CA PRO A 539 27.54 -25.02 -4.91
C PRO A 539 28.15 -25.78 -3.73
N ALA A 540 27.38 -25.95 -2.67
CA ALA A 540 27.84 -26.68 -1.51
C ALA A 540 27.94 -28.17 -1.82
N HIS A 541 28.91 -28.85 -1.22
CA HIS A 541 29.14 -30.31 -1.37
C HIS A 541 29.04 -30.76 -2.83
N LYS A 542 29.62 -29.98 -3.74
CA LYS A 542 29.67 -30.34 -5.15
C LYS A 542 31.10 -30.61 -5.64
N GLY A 543 32.05 -30.78 -4.72
CA GLY A 543 33.42 -31.22 -5.07
C GLY A 543 34.14 -30.35 -6.06
N ILE A 544 33.98 -29.04 -5.95
CA ILE A 544 34.42 -28.09 -6.96
C ILE A 544 35.94 -27.96 -6.86
N GLY A 545 36.52 -28.58 -5.83
CA GLY A 545 37.96 -28.51 -5.66
C GLY A 545 38.38 -27.39 -4.76
N GLY A 546 38.97 -27.70 -3.62
CA GLY A 546 39.23 -26.68 -2.63
C GLY A 546 38.12 -26.61 -1.61
N ASN A 547 36.88 -26.41 -2.06
CA ASN A 547 35.74 -26.50 -1.14
C ASN A 547 35.69 -27.85 -0.45
N GLU A 548 36.03 -28.94 -1.17
CA GLU A 548 36.05 -30.24 -0.53
C GLU A 548 37.05 -30.24 0.63
N GLN A 549 38.10 -29.45 0.51
CA GLN A 549 39.07 -29.32 1.63
C GLN A 549 38.38 -28.61 2.79
N VAL A 550 37.91 -27.37 2.57
CA VAL A 550 37.29 -26.57 3.67
C VAL A 550 36.10 -27.36 4.23
N ASP A 551 35.58 -28.31 3.45
CA ASP A 551 34.46 -29.15 3.93
C ASP A 551 34.94 -30.45 4.57
N LYS A 552 36.21 -30.80 4.38
CA LYS A 552 36.77 -31.98 5.04
C LYS A 552 36.95 -31.44 6.46
N LEU A 553 37.91 -30.54 6.64
CA LEU A 553 38.03 -29.87 7.96
C LEU A 553 36.73 -29.11 8.16
N VAL A 554 36.35 -28.82 9.39
CA VAL A 554 35.04 -28.15 9.59
C VAL A 554 33.94 -29.06 9.02
N PRO B 4 -33.61 2.12 -21.34
CA PRO B 4 -33.60 1.38 -22.60
C PRO B 4 -33.73 -0.11 -22.38
N ILE B 5 -32.59 -0.78 -22.21
CA ILE B 5 -32.58 -2.24 -22.05
C ILE B 5 -33.06 -2.61 -20.66
N GLU B 6 -33.33 -3.88 -20.44
CA GLU B 6 -33.71 -4.40 -19.14
C GLU B 6 -32.47 -4.73 -18.34
N THR B 7 -32.50 -4.36 -17.07
CA THR B 7 -31.35 -4.58 -16.20
C THR B 7 -31.23 -6.08 -15.96
N VAL B 8 -30.24 -6.70 -16.59
CA VAL B 8 -29.91 -8.10 -16.33
C VAL B 8 -29.79 -8.31 -14.82
N PRO B 9 -30.38 -9.35 -14.23
CA PRO B 9 -30.39 -9.44 -12.76
C PRO B 9 -29.03 -9.85 -12.19
N VAL B 10 -28.32 -8.94 -11.56
CA VAL B 10 -26.98 -9.23 -11.07
C VAL B 10 -27.04 -9.66 -9.62
N LYS B 11 -26.32 -10.72 -9.28
CA LYS B 11 -26.31 -11.28 -7.94
C LYS B 11 -24.86 -11.44 -7.50
N LEU B 12 -24.67 -11.65 -6.21
CA LEU B 12 -23.36 -11.86 -5.63
C LEU B 12 -23.20 -13.32 -5.29
N LYS B 13 -21.97 -13.84 -5.45
CA LYS B 13 -21.68 -15.19 -5.02
C LYS B 13 -22.18 -15.37 -3.59
N PRO B 14 -23.05 -16.34 -3.32
CA PRO B 14 -23.88 -16.27 -2.11
C PRO B 14 -23.05 -16.26 -0.85
N GLY B 15 -23.61 -15.65 0.19
CA GLY B 15 -22.89 -15.44 1.43
C GLY B 15 -21.63 -14.60 1.25
N MET B 16 -21.71 -13.55 0.44
CA MET B 16 -20.56 -12.71 0.23
C MET B 16 -21.04 -11.28 0.21
N ASP B 17 -20.35 -10.42 0.97
CA ASP B 17 -20.69 -9.01 1.06
C ASP B 17 -19.76 -8.22 0.15
N GLY B 18 -20.20 -7.00 -0.20
CA GLY B 18 -19.51 -6.21 -1.20
C GLY B 18 -18.21 -5.62 -0.71
N PRO B 19 -17.53 -4.90 -1.61
CA PRO B 19 -16.19 -4.39 -1.28
C PRO B 19 -16.21 -3.20 -0.33
N LYS B 20 -15.27 -3.23 0.59
CA LYS B 20 -14.99 -2.19 1.56
C LYS B 20 -13.51 -1.87 1.52
N VAL B 21 -13.00 -1.63 0.34
CA VAL B 21 -11.61 -1.25 0.13
C VAL B 21 -11.42 0.21 0.52
N LYS B 22 -10.31 0.54 1.15
CA LYS B 22 -10.10 1.92 1.51
C LYS B 22 -9.53 2.66 0.30
N GLN B 23 -9.90 3.94 0.19
CA GLN B 23 -9.45 4.79 -0.92
C GLN B 23 -8.03 5.23 -0.65
N TRP B 24 -7.19 5.14 -1.67
CA TRP B 24 -5.84 5.69 -1.56
C TRP B 24 -5.88 7.23 -1.55
N PRO B 25 -5.03 7.88 -0.75
CA PRO B 25 -4.96 9.33 -0.82
C PRO B 25 -4.40 9.78 -2.16
N LEU B 26 -4.89 10.92 -2.64
CA LEU B 26 -4.51 11.37 -3.97
C LEU B 26 -3.88 12.75 -3.93
N THR B 27 -2.99 13.00 -4.89
CA THR B 27 -2.48 14.34 -5.07
C THR B 27 -3.61 15.29 -5.46
N GLU B 28 -3.33 16.60 -5.42
CA GLU B 28 -4.40 17.57 -5.68
C GLU B 28 -4.72 17.68 -7.18
N GLU B 29 -3.69 17.55 -8.02
CA GLU B 29 -3.90 17.45 -9.45
C GLU B 29 -4.91 16.35 -9.75
N LYS B 30 -4.65 15.15 -9.23
CA LYS B 30 -5.51 14.02 -9.54
C LYS B 30 -6.91 14.20 -8.97
N ILE B 31 -7.06 14.76 -7.76
CA ILE B 31 -8.42 14.91 -7.24
C ILE B 31 -9.22 15.81 -8.16
N LYS B 32 -8.65 16.96 -8.53
CA LYS B 32 -9.40 17.91 -9.33
C LYS B 32 -9.85 17.28 -10.62
N ALA B 33 -9.04 16.39 -11.20
CA ALA B 33 -9.46 15.67 -12.41
C ALA B 33 -10.61 14.71 -12.11
N LEU B 34 -10.56 13.99 -10.99
CA LEU B 34 -11.70 13.15 -10.71
C LEU B 34 -12.91 13.97 -10.36
N VAL B 35 -12.76 15.22 -9.98
CA VAL B 35 -13.95 15.99 -9.68
C VAL B 35 -14.54 16.61 -10.94
N GLU B 36 -13.72 16.97 -11.92
CA GLU B 36 -14.27 17.35 -13.21
C GLU B 36 -15.02 16.18 -13.83
N ILE B 37 -14.34 15.03 -13.90
CA ILE B 37 -14.83 13.85 -14.59
C ILE B 37 -16.15 13.39 -14.00
N CYS B 38 -16.23 13.34 -12.67
CA CYS B 38 -17.46 12.82 -12.09
C CYS B 38 -18.60 13.81 -12.20
N THR B 39 -18.28 15.10 -12.27
CA THR B 39 -19.30 16.13 -12.44
C THR B 39 -19.96 16.02 -13.81
N GLU B 40 -19.17 15.67 -14.83
CA GLU B 40 -19.74 15.37 -16.14
C GLU B 40 -20.48 14.02 -16.15
N MET B 41 -19.87 12.97 -15.59
CA MET B 41 -20.57 11.69 -15.48
C MET B 41 -21.84 11.79 -14.64
N GLU B 42 -21.96 12.78 -13.79
CA GLU B 42 -23.20 12.89 -13.04
C GLU B 42 -24.25 13.62 -13.86
N LYS B 43 -23.80 14.56 -14.70
CA LYS B 43 -24.69 15.24 -15.64
C LYS B 43 -25.23 14.27 -16.69
N GLU B 44 -24.37 13.39 -17.21
CA GLU B 44 -24.82 12.35 -18.11
C GLU B 44 -25.60 11.25 -17.41
N GLY B 45 -25.90 11.44 -16.12
CA GLY B 45 -26.62 10.46 -15.33
C GLY B 45 -25.93 9.12 -15.18
N LYS B 46 -24.61 9.03 -15.51
CA LYS B 46 -23.98 7.72 -15.51
C LYS B 46 -23.73 7.21 -14.10
N ILE B 47 -23.70 8.11 -13.11
CA ILE B 47 -23.39 7.81 -11.72
C ILE B 47 -24.16 8.83 -10.89
N SER B 48 -24.56 8.44 -9.69
CA SER B 48 -25.35 9.30 -8.82
C SER B 48 -24.70 9.42 -7.45
N LYS B 49 -24.92 10.55 -6.81
CA LYS B 49 -24.49 10.71 -5.43
C LYS B 49 -25.30 9.77 -4.53
N ILE B 50 -24.70 9.39 -3.40
CA ILE B 50 -25.19 8.32 -2.54
C ILE B 50 -25.05 8.69 -1.05
N GLY B 51 -25.90 8.08 -0.24
CA GLY B 51 -26.00 8.43 1.15
C GLY B 51 -25.07 7.65 2.05
N PRO B 52 -25.16 7.89 3.37
CA PRO B 52 -24.25 7.21 4.29
C PRO B 52 -24.65 5.77 4.58
N GLU B 53 -25.86 5.35 4.19
CA GLU B 53 -26.35 3.99 4.29
C GLU B 53 -25.75 3.05 3.24
N ASN B 54 -24.80 3.54 2.44
CA ASN B 54 -24.02 2.70 1.52
C ASN B 54 -22.59 2.58 2.06
N PRO B 55 -22.23 1.43 2.63
CA PRO B 55 -20.93 1.28 3.30
C PRO B 55 -19.82 0.77 2.40
N TYR B 56 -20.11 0.53 1.15
CA TYR B 56 -19.13 -0.06 0.26
C TYR B 56 -18.25 1.02 -0.31
N ASN B 57 -17.07 0.63 -0.75
CA ASN B 57 -16.26 1.54 -1.52
C ASN B 57 -15.26 0.70 -2.27
N THR B 58 -14.96 1.12 -3.47
CA THR B 58 -13.83 0.61 -4.20
C THR B 58 -13.01 1.83 -4.64
N PRO B 59 -11.72 1.64 -4.91
CA PRO B 59 -10.84 2.80 -5.09
C PRO B 59 -10.87 3.37 -6.49
N VAL B 60 -10.43 4.61 -6.62
CA VAL B 60 -10.38 5.32 -7.90
C VAL B 60 -9.02 6.00 -8.03
N PHE B 61 -8.48 5.97 -9.25
CA PHE B 61 -7.19 6.52 -9.61
C PHE B 61 -7.37 7.46 -10.80
N ALA B 62 -6.32 8.19 -11.15
CA ALA B 62 -6.41 9.11 -12.28
C ALA B 62 -5.14 8.97 -13.09
N ILE B 63 -5.29 8.48 -14.30
CA ILE B 63 -4.19 8.15 -15.20
C ILE B 63 -4.38 8.93 -16.50
N LYS B 64 -3.52 8.73 -17.50
CA LYS B 64 -3.65 9.41 -18.78
C LYS B 64 -3.80 8.39 -19.91
N LYS B 65 -4.68 8.71 -20.87
CA LYS B 65 -5.31 7.71 -21.75
C LYS B 65 -4.34 6.91 -22.60
N LYS B 66 -3.68 7.53 -23.58
CA LYS B 66 -2.55 6.91 -24.27
C LYS B 66 -1.27 7.72 -24.10
N ASP B 67 -1.30 9.00 -24.47
CA ASP B 67 -0.22 9.94 -24.25
C ASP B 67 -0.74 11.36 -24.05
N SER B 68 -2.07 11.53 -24.05
CA SER B 68 -2.70 12.82 -24.25
C SER B 68 -2.71 13.63 -22.97
N THR B 69 -3.02 14.92 -23.13
CA THR B 69 -3.39 15.82 -22.05
C THR B 69 -4.76 15.51 -21.45
N LYS B 70 -5.42 14.45 -21.91
CA LYS B 70 -6.70 14.05 -21.34
C LYS B 70 -6.47 13.23 -20.09
N TRP B 71 -7.12 13.64 -19.01
CA TRP B 71 -7.19 12.86 -17.79
C TRP B 71 -8.26 11.78 -17.92
N ARG B 72 -7.91 10.54 -17.61
CA ARG B 72 -8.90 9.48 -17.56
C ARG B 72 -9.19 9.15 -16.10
N LYS B 73 -10.12 8.24 -15.89
CA LYS B 73 -10.43 7.73 -14.56
C LYS B 73 -10.31 6.21 -14.62
N LEU B 74 -9.80 5.61 -13.54
CA LEU B 74 -9.58 4.18 -13.45
C LEU B 74 -10.12 3.68 -12.12
N VAL B 75 -10.78 2.53 -12.12
CA VAL B 75 -11.44 2.03 -10.91
C VAL B 75 -10.96 0.61 -10.63
N ASP B 76 -10.61 0.35 -9.37
CA ASP B 76 -9.99 -0.91 -8.98
C ASP B 76 -11.09 -1.87 -8.54
N PHE B 77 -11.77 -2.43 -9.53
CA PHE B 77 -12.85 -3.34 -9.24
C PHE B 77 -12.33 -4.71 -8.84
N ARG B 78 -11.06 -4.82 -8.51
CA ARG B 78 -10.48 -6.13 -8.23
C ARG B 78 -11.17 -6.81 -7.06
N GLU B 79 -11.71 -6.06 -6.11
CA GLU B 79 -12.37 -6.77 -5.02
C GLU B 79 -13.78 -7.18 -5.42
N LEU B 80 -14.56 -6.24 -5.98
CA LEU B 80 -15.91 -6.53 -6.46
C LEU B 80 -15.91 -7.60 -7.52
N ASN B 81 -14.81 -7.71 -8.27
CA ASN B 81 -14.69 -8.80 -9.22
C ASN B 81 -14.62 -10.15 -8.49
N LYS B 82 -13.65 -10.31 -7.59
CA LYS B 82 -13.55 -11.59 -6.87
C LYS B 82 -14.85 -11.95 -6.17
N ARG B 83 -15.70 -10.97 -5.86
CA ARG B 83 -16.88 -11.30 -5.09
C ARG B 83 -18.11 -11.53 -5.94
N THR B 84 -18.30 -10.80 -7.00
CA THR B 84 -19.43 -11.15 -7.87
C THR B 84 -18.90 -12.05 -8.97
N GLN B 85 -18.02 -11.49 -9.80
CA GLN B 85 -17.80 -12.00 -11.15
C GLN B 85 -17.40 -13.46 -11.16
N ASP B 86 -16.72 -13.93 -10.12
CA ASP B 86 -16.40 -15.34 -10.07
C ASP B 86 -17.67 -16.19 -10.21
N PHE B 87 -18.82 -15.62 -9.88
CA PHE B 87 -20.11 -16.21 -10.23
C PHE B 87 -20.69 -15.66 -11.53
N TRP B 88 -20.32 -14.43 -11.91
CA TRP B 88 -20.83 -13.83 -13.17
C TRP B 88 -19.97 -14.24 -14.38
N GLU B 89 -18.85 -14.94 -14.16
CA GLU B 89 -18.05 -15.51 -15.23
C GLU B 89 -18.40 -16.97 -15.50
N VAL B 90 -19.28 -17.57 -14.71
CA VAL B 90 -19.88 -18.86 -15.03
C VAL B 90 -21.30 -18.69 -15.52
N GLN B 91 -22.12 -17.93 -14.78
CA GLN B 91 -23.46 -17.68 -15.25
C GLN B 91 -23.48 -16.85 -16.51
N LEU B 92 -22.38 -16.17 -16.86
CA LEU B 92 -22.35 -15.42 -18.11
C LEU B 92 -21.00 -15.47 -18.84
N GLY B 93 -20.25 -16.56 -18.72
CA GLY B 93 -18.84 -16.54 -19.07
C GLY B 93 -18.56 -16.49 -20.56
N ILE B 94 -17.55 -15.72 -20.93
CA ILE B 94 -17.12 -15.52 -22.32
C ILE B 94 -15.89 -16.39 -22.58
N PRO B 95 -15.98 -17.41 -23.45
CA PRO B 95 -14.91 -18.42 -23.54
C PRO B 95 -13.64 -17.89 -24.19
N HIS B 96 -12.50 -18.53 -23.92
CA HIS B 96 -11.21 -18.00 -24.44
C HIS B 96 -10.77 -18.74 -25.70
N PRO B 97 -10.52 -18.03 -26.81
CA PRO B 97 -10.01 -18.67 -28.02
C PRO B 97 -8.55 -19.05 -27.78
N ALA B 98 -8.23 -20.33 -27.90
CA ALA B 98 -6.86 -20.78 -27.56
C ALA B 98 -5.96 -20.83 -28.81
N GLY B 99 -6.24 -20.02 -29.82
CA GLY B 99 -5.37 -19.97 -31.01
C GLY B 99 -4.86 -18.56 -31.23
N LEU B 100 -5.43 -17.61 -30.51
CA LEU B 100 -5.04 -16.20 -30.66
C LEU B 100 -3.54 -16.04 -30.53
N LYS B 101 -2.89 -16.91 -29.76
CA LYS B 101 -1.45 -16.85 -29.61
C LYS B 101 -0.73 -17.32 -30.86
N LYS B 102 -1.41 -18.09 -31.72
CA LYS B 102 -0.81 -18.58 -32.94
C LYS B 102 -0.71 -17.50 -34.03
N LYS B 103 -1.70 -16.62 -34.10
CA LYS B 103 -1.79 -15.69 -35.22
C LYS B 103 -0.59 -14.74 -35.26
N LYS B 104 -0.08 -14.50 -36.46
CA LYS B 104 1.17 -13.76 -36.64
C LYS B 104 1.08 -12.29 -36.25
N SER B 105 -0.12 -11.76 -36.01
CA SER B 105 -0.29 -10.39 -35.59
C SER B 105 -1.52 -10.30 -34.70
N VAL B 106 -1.51 -9.37 -33.74
CA VAL B 106 -2.67 -9.10 -32.90
C VAL B 106 -2.72 -7.60 -32.66
N THR B 107 -3.90 -7.00 -32.76
CA THR B 107 -4.13 -5.61 -32.40
C THR B 107 -5.19 -5.57 -31.30
N VAL B 108 -5.15 -4.50 -30.50
CA VAL B 108 -6.00 -4.42 -29.31
C VAL B 108 -6.80 -3.12 -29.36
N LEU B 109 -8.12 -3.24 -29.17
CA LEU B 109 -9.05 -2.13 -29.34
C LEU B 109 -9.84 -1.89 -28.07
N ASP B 110 -10.01 -0.60 -27.74
CA ASP B 110 -10.66 -0.18 -26.50
C ASP B 110 -12.13 0.03 -26.80
N VAL B 111 -12.97 -0.91 -26.36
CA VAL B 111 -14.39 -0.88 -26.66
C VAL B 111 -15.24 -0.50 -25.46
N GLY B 112 -14.62 -0.15 -24.34
CA GLY B 112 -15.36 0.08 -23.10
C GLY B 112 -16.29 1.26 -23.12
N ASP B 113 -16.26 2.08 -24.17
CA ASP B 113 -17.31 3.10 -24.32
C ASP B 113 -18.66 2.46 -24.60
N ALA B 114 -18.69 1.20 -25.03
CA ALA B 114 -19.93 0.48 -25.23
C ALA B 114 -20.77 0.47 -23.96
N TYR B 115 -20.16 0.09 -22.83
CA TYR B 115 -20.93 -0.23 -21.63
C TYR B 115 -21.79 0.92 -21.14
N PHE B 116 -21.44 2.15 -21.48
CA PHE B 116 -22.16 3.27 -20.89
C PHE B 116 -23.57 3.39 -21.45
N SER B 117 -23.85 2.66 -22.52
CA SER B 117 -25.21 2.60 -23.05
C SER B 117 -26.13 1.79 -22.14
N VAL B 118 -25.66 0.68 -21.56
CA VAL B 118 -26.47 -0.25 -20.78
C VAL B 118 -26.71 0.17 -19.32
N PRO B 119 -27.95 0.26 -18.84
CA PRO B 119 -28.14 0.45 -17.40
C PRO B 119 -27.69 -0.77 -16.62
N LEU B 120 -27.25 -0.52 -15.40
CA LEU B 120 -26.82 -1.53 -14.47
C LEU B 120 -27.95 -1.85 -13.50
N ASP B 121 -28.06 -3.13 -13.14
CA ASP B 121 -29.10 -3.61 -12.24
C ASP B 121 -29.31 -2.69 -11.05
N GLU B 122 -30.59 -2.45 -10.71
CA GLU B 122 -30.93 -1.47 -9.68
C GLU B 122 -30.42 -1.88 -8.32
N ASP B 123 -30.52 -3.16 -7.97
CA ASP B 123 -30.23 -3.64 -6.63
C ASP B 123 -28.76 -3.91 -6.39
N PHE B 124 -27.96 -3.79 -7.45
CA PHE B 124 -26.54 -4.07 -7.42
C PHE B 124 -25.71 -2.79 -7.41
N ARG B 125 -26.30 -1.66 -7.79
CA ARG B 125 -25.56 -0.42 -7.89
C ARG B 125 -24.85 -0.11 -6.60
N LYS B 126 -25.45 -0.47 -5.47
CA LYS B 126 -24.83 -0.10 -4.20
C LYS B 126 -23.39 -0.63 -4.10
N TYR B 127 -23.06 -1.73 -4.76
CA TYR B 127 -21.72 -2.28 -4.59
C TYR B 127 -20.66 -1.55 -5.38
N THR B 128 -21.02 -0.63 -6.24
CA THR B 128 -20.01 0.09 -7.03
C THR B 128 -19.58 1.41 -6.43
N ALA B 129 -20.07 1.77 -5.24
CA ALA B 129 -19.70 3.01 -4.60
C ALA B 129 -18.21 3.30 -4.76
N PHE B 130 -17.90 4.57 -5.04
CA PHE B 130 -16.54 5.05 -4.86
C PHE B 130 -16.53 6.40 -4.16
N THR B 131 -15.33 6.85 -3.78
CA THR B 131 -15.13 8.04 -2.96
C THR B 131 -14.00 8.86 -3.57
N ILE B 132 -14.27 10.12 -3.88
CA ILE B 132 -13.21 11.07 -4.21
C ILE B 132 -12.65 11.62 -2.91
N PRO B 133 -11.37 11.37 -2.60
CA PRO B 133 -10.87 11.76 -1.30
C PRO B 133 -10.55 13.24 -1.27
N SER B 134 -10.61 13.81 -0.06
CA SER B 134 -10.20 15.18 0.14
C SER B 134 -8.75 15.25 0.58
N ILE B 135 -8.19 16.44 0.48
CA ILE B 135 -6.84 16.65 0.99
C ILE B 135 -6.90 16.89 2.48
N ASN B 136 -6.02 16.22 3.21
CA ASN B 136 -5.83 16.47 4.63
C ASN B 136 -7.10 16.21 5.42
N ASN B 137 -7.92 15.24 4.99
CA ASN B 137 -9.15 14.90 5.69
C ASN B 137 -9.98 16.14 5.99
N GLU B 138 -9.91 17.13 5.09
CA GLU B 138 -10.69 18.37 5.22
C GLU B 138 -12.18 18.07 5.25
N THR B 139 -12.62 17.18 4.36
CA THR B 139 -13.98 16.68 4.20
C THR B 139 -13.86 15.18 4.03
N PRO B 140 -14.85 14.41 4.47
CA PRO B 140 -14.99 13.05 3.95
C PRO B 140 -15.28 13.20 2.47
N GLY B 141 -14.89 12.21 1.67
CA GLY B 141 -14.93 12.42 0.23
C GLY B 141 -16.29 12.71 -0.37
N ILE B 142 -16.36 12.82 -1.69
CA ILE B 142 -17.63 12.84 -2.43
C ILE B 142 -17.93 11.42 -2.87
N ARG B 143 -19.17 10.97 -2.63
CA ARG B 143 -19.55 9.56 -2.75
C ARG B 143 -20.53 9.30 -3.90
N TYR B 144 -20.07 8.54 -4.88
CA TYR B 144 -20.87 8.12 -6.02
C TYR B 144 -21.07 6.60 -6.04
N GLN B 145 -22.15 6.18 -6.70
CA GLN B 145 -22.34 4.81 -7.16
C GLN B 145 -22.74 4.85 -8.63
N TYR B 146 -22.51 3.75 -9.31
CA TYR B 146 -22.71 3.70 -10.75
C TYR B 146 -24.17 3.39 -11.09
N ASN B 147 -24.67 3.99 -12.17
CA ASN B 147 -26.01 3.76 -12.70
C ASN B 147 -26.02 2.94 -13.97
N VAL B 148 -24.86 2.77 -14.60
CA VAL B 148 -24.71 2.15 -15.90
C VAL B 148 -23.57 1.15 -15.75
N LEU B 149 -23.38 0.34 -16.73
CA LEU B 149 -22.36 -0.69 -16.58
C LEU B 149 -21.01 -0.02 -16.44
N PRO B 150 -20.29 -0.28 -15.37
CA PRO B 150 -19.03 0.43 -15.12
C PRO B 150 -17.87 -0.27 -15.75
N GLN B 151 -17.03 0.39 -16.53
CA GLN B 151 -15.86 -0.31 -17.05
C GLN B 151 -14.93 -0.78 -15.93
N GLY B 152 -14.33 -1.95 -16.13
CA GLY B 152 -13.40 -2.47 -15.15
C GLY B 152 -14.02 -3.59 -14.35
N TRP B 153 -15.30 -3.44 -14.06
CA TRP B 153 -16.07 -4.58 -13.59
C TRP B 153 -16.08 -5.66 -14.67
N LYS B 154 -16.00 -6.90 -14.22
CA LYS B 154 -15.89 -8.00 -15.16
C LYS B 154 -17.24 -8.58 -15.55
N GLY B 155 -18.30 -8.19 -14.85
CA GLY B 155 -19.63 -8.40 -15.36
C GLY B 155 -20.10 -7.38 -16.35
N SER B 156 -19.31 -6.37 -16.65
CA SER B 156 -19.76 -5.41 -17.65
C SER B 156 -19.59 -5.94 -19.05
N PRO B 157 -18.44 -6.48 -19.45
CA PRO B 157 -18.39 -7.15 -20.76
C PRO B 157 -19.28 -8.38 -20.83
N ALA B 158 -19.51 -9.05 -19.70
CA ALA B 158 -20.32 -10.27 -19.67
C ALA B 158 -21.77 -9.98 -20.00
N ILE B 159 -22.32 -8.91 -19.44
CA ILE B 159 -23.69 -8.53 -19.76
C ILE B 159 -23.78 -8.11 -21.23
N PHE B 160 -22.91 -7.20 -21.67
CA PHE B 160 -22.88 -6.70 -23.03
C PHE B 160 -22.43 -7.73 -24.04
N GLN B 161 -22.17 -8.95 -23.60
CA GLN B 161 -21.67 -10.01 -24.48
C GLN B 161 -22.59 -10.21 -25.67
N SER B 162 -23.88 -10.36 -25.39
CA SER B 162 -24.86 -10.57 -26.47
C SER B 162 -24.68 -9.47 -27.52
N SER B 163 -24.86 -8.22 -27.12
CA SER B 163 -24.81 -7.13 -28.08
C SER B 163 -23.48 -7.09 -28.81
N MET B 164 -22.42 -7.60 -28.18
CA MET B 164 -21.13 -7.57 -28.85
C MET B 164 -21.12 -8.51 -30.04
N THR B 165 -21.58 -9.76 -29.85
CA THR B 165 -21.55 -10.73 -30.95
C THR B 165 -22.48 -10.36 -32.10
N LYS B 166 -23.62 -9.73 -31.81
CA LYS B 166 -24.42 -9.13 -32.86
C LYS B 166 -23.58 -8.21 -33.75
N ILE B 167 -22.99 -7.17 -33.15
CA ILE B 167 -22.27 -6.16 -33.92
C ILE B 167 -21.12 -6.78 -34.70
N LEU B 168 -20.58 -7.88 -34.21
CA LEU B 168 -19.45 -8.53 -34.86
C LEU B 168 -19.87 -9.55 -35.91
N GLU B 169 -21.12 -10.03 -35.85
CA GLU B 169 -21.53 -11.12 -36.73
C GLU B 169 -21.40 -10.81 -38.23
N PRO B 170 -21.77 -9.63 -38.74
CA PRO B 170 -21.44 -9.33 -40.13
C PRO B 170 -19.95 -9.47 -40.40
N PHE B 171 -19.14 -8.71 -39.66
CA PHE B 171 -17.69 -8.72 -39.89
C PHE B 171 -17.09 -10.11 -39.69
N LYS B 172 -17.58 -10.85 -38.68
CA LYS B 172 -17.01 -12.18 -38.42
C LYS B 172 -17.23 -13.09 -39.62
N LYS B 173 -18.42 -13.06 -40.22
CA LYS B 173 -18.72 -14.00 -41.30
C LYS B 173 -18.02 -13.61 -42.61
N GLN B 174 -17.91 -12.30 -42.89
CA GLN B 174 -17.16 -11.87 -44.07
C GLN B 174 -15.68 -12.18 -43.98
N ASN B 175 -15.17 -12.43 -42.77
CA ASN B 175 -13.76 -12.74 -42.53
C ASN B 175 -13.71 -13.99 -41.65
N PRO B 176 -13.79 -15.17 -42.24
CA PRO B 176 -13.72 -16.40 -41.43
C PRO B 176 -12.33 -16.69 -40.87
N ASP B 177 -11.33 -15.87 -41.17
CA ASP B 177 -9.93 -16.15 -40.83
C ASP B 177 -9.38 -15.25 -39.71
N ILE B 178 -10.23 -14.49 -39.03
CA ILE B 178 -9.82 -13.46 -38.09
C ILE B 178 -10.35 -13.83 -36.70
N VAL B 179 -9.44 -13.91 -35.72
CA VAL B 179 -9.79 -14.28 -34.35
C VAL B 179 -10.24 -13.04 -33.61
N ILE B 180 -11.32 -13.14 -32.82
CA ILE B 180 -11.70 -11.98 -32.03
C ILE B 180 -12.02 -12.39 -30.61
N TYR B 181 -11.30 -11.78 -29.66
CA TYR B 181 -11.42 -12.04 -28.23
C TYR B 181 -11.70 -10.71 -27.52
N GLN B 182 -12.72 -10.71 -26.66
CA GLN B 182 -13.00 -9.56 -25.81
C GLN B 182 -12.67 -9.95 -24.37
N TYR B 183 -11.59 -9.38 -23.83
CA TYR B 183 -11.23 -9.48 -22.42
C TYR B 183 -11.48 -8.12 -21.80
N MET B 184 -12.37 -8.09 -20.82
CA MET B 184 -12.74 -6.80 -20.18
C MET B 184 -13.16 -5.82 -21.28
N ASP B 185 -12.55 -4.64 -21.33
CA ASP B 185 -12.97 -3.64 -22.29
C ASP B 185 -12.08 -3.59 -23.51
N ASP B 186 -11.51 -4.72 -23.91
CA ASP B 186 -10.58 -4.75 -25.02
C ASP B 186 -10.97 -5.86 -25.98
N LEU B 187 -10.90 -5.56 -27.27
CA LEU B 187 -10.98 -6.56 -28.33
C LEU B 187 -9.57 -6.91 -28.80
N TYR B 188 -9.28 -8.19 -28.85
CA TYR B 188 -8.01 -8.67 -29.38
C TYR B 188 -8.30 -9.31 -30.71
N VAL B 189 -7.77 -8.72 -31.77
CA VAL B 189 -8.09 -9.13 -33.13
C VAL B 189 -6.82 -9.69 -33.76
N GLY B 190 -6.80 -10.98 -34.01
CA GLY B 190 -5.64 -11.65 -34.57
C GLY B 190 -5.87 -12.23 -35.96
N SER B 191 -4.85 -12.13 -36.81
CA SER B 191 -4.92 -12.52 -38.21
C SER B 191 -3.52 -12.89 -38.71
N ASP B 192 -3.43 -13.37 -39.95
CA ASP B 192 -2.16 -13.74 -40.55
C ASP B 192 -1.77 -12.82 -41.70
N LEU B 193 -2.47 -11.71 -41.89
CA LEU B 193 -2.16 -10.78 -42.96
C LEU B 193 -0.77 -10.19 -42.80
N GLU B 194 -0.21 -9.73 -43.91
CA GLU B 194 0.88 -8.78 -43.81
C GLU B 194 0.35 -7.52 -43.13
N ILE B 195 1.28 -6.74 -42.58
CA ILE B 195 0.94 -5.75 -41.58
C ILE B 195 -0.05 -4.74 -42.12
N GLY B 196 0.27 -4.16 -43.29
CA GLY B 196 -0.55 -3.09 -43.82
C GLY B 196 -1.96 -3.53 -44.13
N GLN B 197 -2.12 -4.76 -44.65
CA GLN B 197 -3.44 -5.32 -44.84
C GLN B 197 -4.07 -5.69 -43.51
N HIS B 198 -3.30 -6.28 -42.58
CA HIS B 198 -3.80 -6.44 -41.22
C HIS B 198 -4.27 -5.11 -40.65
N ARG B 199 -3.61 -4.00 -41.00
CA ARG B 199 -4.04 -2.70 -40.53
C ARG B 199 -5.33 -2.22 -41.20
N THR B 200 -5.50 -2.52 -42.51
CA THR B 200 -6.78 -2.15 -43.15
C THR B 200 -7.91 -2.99 -42.57
N LYS B 201 -7.75 -4.31 -42.54
CA LYS B 201 -8.78 -5.15 -41.96
C LYS B 201 -9.07 -4.74 -40.52
N ILE B 202 -8.12 -4.08 -39.86
CA ILE B 202 -8.41 -3.43 -38.58
C ILE B 202 -9.30 -2.22 -38.81
N GLU B 203 -8.83 -1.26 -39.61
CA GLU B 203 -9.64 -0.07 -39.85
C GLU B 203 -11.02 -0.42 -40.40
N GLU B 204 -11.13 -1.53 -41.15
CA GLU B 204 -12.44 -2.05 -41.48
C GLU B 204 -13.24 -2.29 -40.22
N LEU B 205 -12.72 -3.16 -39.35
CA LEU B 205 -13.42 -3.48 -38.10
C LEU B 205 -13.63 -2.24 -37.26
N ARG B 206 -12.66 -1.34 -37.25
CA ARG B 206 -12.85 -0.08 -36.54
C ARG B 206 -14.08 0.62 -37.07
N GLN B 207 -14.12 0.83 -38.39
CA GLN B 207 -15.17 1.62 -39.02
C GLN B 207 -16.52 0.91 -38.95
N HIS B 208 -16.53 -0.41 -39.09
CA HIS B 208 -17.73 -1.20 -38.83
C HIS B 208 -18.30 -0.91 -37.45
N LEU B 209 -17.49 -1.12 -36.41
CA LEU B 209 -17.95 -0.89 -35.05
C LEU B 209 -18.38 0.56 -34.83
N LEU B 210 -17.64 1.50 -35.41
CA LEU B 210 -17.98 2.90 -35.20
C LEU B 210 -19.36 3.24 -35.77
N ARG B 211 -19.76 2.63 -36.90
CA ARG B 211 -21.04 3.00 -37.50
C ARG B 211 -22.21 2.23 -36.91
N TRP B 212 -21.98 1.26 -36.04
CA TRP B 212 -23.06 0.68 -35.24
C TRP B 212 -23.18 1.32 -33.86
N GLY B 213 -22.58 2.49 -33.64
CA GLY B 213 -22.74 3.20 -32.38
C GLY B 213 -21.61 3.03 -31.39
N LEU B 214 -20.77 2.03 -31.57
CA LEU B 214 -19.66 1.76 -30.66
C LEU B 214 -18.41 2.52 -31.11
N THR B 215 -18.04 3.56 -30.36
CA THR B 215 -16.84 4.35 -30.61
C THR B 215 -15.61 3.66 -30.01
N THR B 216 -14.48 3.79 -30.70
CA THR B 216 -13.19 3.28 -30.21
C THR B 216 -12.10 4.29 -30.53
N PRO B 217 -11.22 4.64 -29.55
CA PRO B 217 -10.11 5.60 -29.67
C PRO B 217 -9.26 5.44 -30.92
N TYR B 232 -1.72 -0.68 -30.74
CA TYR B 232 -0.94 -1.63 -29.95
C TYR B 232 -0.78 -2.93 -30.75
N GLU B 233 0.23 -2.97 -31.61
CA GLU B 233 0.45 -4.09 -32.52
C GLU B 233 1.40 -5.11 -31.92
N LEU B 234 0.99 -6.38 -31.91
CA LEU B 234 1.71 -7.48 -31.26
C LEU B 234 2.07 -8.53 -32.28
N HIS B 235 2.83 -9.54 -31.85
CA HIS B 235 3.28 -10.62 -32.72
C HIS B 235 3.63 -11.80 -31.85
N PRO B 236 2.63 -12.63 -31.50
CA PRO B 236 2.84 -13.69 -30.52
C PRO B 236 3.58 -14.91 -31.04
N ASP B 237 3.99 -14.91 -32.31
CA ASP B 237 4.78 -16.00 -32.87
C ASP B 237 6.28 -15.78 -32.74
N LYS B 238 6.73 -14.64 -32.19
CA LYS B 238 8.11 -14.47 -31.76
C LYS B 238 8.32 -14.92 -30.32
N TRP B 239 7.24 -14.90 -29.54
CA TRP B 239 7.27 -15.32 -28.17
C TRP B 239 7.60 -16.80 -28.07
N THR B 240 8.55 -17.14 -27.21
CA THR B 240 8.90 -18.52 -26.96
C THR B 240 9.45 -18.57 -25.54
N VAL B 241 9.28 -19.72 -24.88
CA VAL B 241 9.94 -19.90 -23.61
C VAL B 241 11.44 -19.78 -23.88
N GLN B 242 12.04 -18.73 -23.37
CA GLN B 242 13.39 -18.42 -23.79
C GLN B 242 14.41 -19.22 -22.99
N PRO B 243 15.40 -19.81 -23.67
CA PRO B 243 16.30 -20.78 -23.00
C PRO B 243 17.48 -20.16 -22.27
N ILE B 244 18.40 -21.02 -21.79
CA ILE B 244 19.47 -20.63 -20.87
C ILE B 244 20.78 -20.51 -21.63
N VAL B 245 21.41 -19.34 -21.54
CA VAL B 245 22.64 -19.05 -22.26
C VAL B 245 23.83 -19.36 -21.38
N LEU B 246 24.65 -20.30 -21.82
CA LEU B 246 25.95 -20.54 -21.21
C LEU B 246 26.99 -19.68 -21.91
N PRO B 247 27.76 -18.89 -21.16
CA PRO B 247 28.60 -17.87 -21.79
C PRO B 247 29.63 -18.45 -22.73
N GLU B 248 30.17 -17.57 -23.55
CA GLU B 248 31.12 -17.89 -24.61
C GLU B 248 32.39 -17.11 -24.32
N LYS B 249 33.34 -17.75 -23.66
CA LYS B 249 34.55 -17.06 -23.23
C LYS B 249 35.75 -17.74 -23.86
N ASP B 250 36.69 -16.93 -24.33
CA ASP B 250 37.93 -17.47 -24.87
C ASP B 250 38.79 -18.08 -23.77
N TRP B 252 39.00 -19.09 -19.70
CA TRP B 252 38.17 -19.41 -18.55
C TRP B 252 39.03 -19.46 -17.30
N THR B 253 38.71 -18.62 -16.32
CA THR B 253 39.41 -18.63 -15.04
C THR B 253 38.78 -19.69 -14.12
N VAL B 254 39.30 -19.77 -12.89
CA VAL B 254 38.70 -20.67 -11.90
C VAL B 254 37.32 -20.13 -11.48
N ASN B 255 37.20 -18.81 -11.33
CA ASN B 255 35.92 -18.18 -10.96
C ASN B 255 34.87 -18.39 -12.06
N ASP B 256 35.26 -18.30 -13.34
CA ASP B 256 34.31 -18.52 -14.43
C ASP B 256 33.77 -19.96 -14.41
N ILE B 257 34.63 -20.93 -14.17
CA ILE B 257 34.21 -22.32 -14.05
C ILE B 257 33.37 -22.54 -12.79
N GLN B 258 33.43 -21.62 -11.83
CA GLN B 258 32.61 -21.71 -10.62
C GLN B 258 31.18 -21.31 -10.91
N LYS B 259 30.99 -20.07 -11.39
CA LYS B 259 29.69 -19.63 -11.84
C LYS B 259 29.15 -20.56 -12.91
N LEU B 260 30.04 -21.18 -13.70
CA LEU B 260 29.61 -22.19 -14.64
C LEU B 260 29.07 -23.43 -13.94
N VAL B 261 29.79 -23.94 -12.94
CA VAL B 261 29.25 -25.06 -12.17
C VAL B 261 28.02 -24.62 -11.38
N GLY B 262 28.00 -23.36 -10.94
CA GLY B 262 26.89 -22.90 -10.10
C GLY B 262 25.57 -22.82 -10.85
N LYS B 263 25.57 -22.14 -11.99
CA LYS B 263 24.36 -22.05 -12.81
C LYS B 263 23.94 -23.44 -13.29
N LEU B 264 24.92 -24.21 -13.78
CA LEU B 264 24.64 -25.54 -14.32
C LEU B 264 24.02 -26.43 -13.25
N ASN B 265 24.46 -26.30 -12.01
CA ASN B 265 23.84 -27.08 -10.95
C ASN B 265 22.39 -26.65 -10.71
N TRP B 266 22.11 -25.35 -10.70
CA TRP B 266 20.75 -24.88 -10.50
C TRP B 266 19.85 -25.31 -11.64
N ALA B 267 20.36 -25.19 -12.88
CA ALA B 267 19.59 -25.62 -14.04
C ALA B 267 19.28 -27.11 -13.99
N SER B 268 20.22 -27.94 -13.53
CA SER B 268 19.99 -29.37 -13.43
C SER B 268 18.83 -29.72 -12.50
N GLN B 269 18.36 -28.76 -11.73
CA GLN B 269 17.22 -29.00 -10.86
C GLN B 269 15.92 -29.12 -11.67
N ILE B 270 15.89 -28.61 -12.90
CA ILE B 270 14.68 -28.65 -13.73
C ILE B 270 14.77 -29.54 -14.97
N TYR B 271 15.71 -29.20 -15.85
CA TYR B 271 15.93 -30.05 -17.05
C TYR B 271 16.85 -31.20 -16.66
N PRO B 272 16.34 -32.46 -16.61
CA PRO B 272 17.18 -33.62 -16.29
C PRO B 272 18.27 -33.76 -17.36
N GLY B 273 19.50 -34.00 -16.94
CA GLY B 273 20.63 -34.12 -17.88
C GLY B 273 21.70 -33.08 -17.62
N ILE B 274 22.90 -33.26 -18.18
CA ILE B 274 24.02 -32.30 -18.00
C ILE B 274 24.53 -32.37 -16.56
N LYS B 275 25.78 -32.80 -16.38
CA LYS B 275 26.38 -32.85 -15.01
C LYS B 275 27.83 -32.37 -15.08
N GLN B 278 31.34 -33.69 -13.55
CA GLN B 278 32.76 -33.98 -13.84
C GLN B 278 33.50 -32.67 -14.13
N LEU B 279 32.81 -31.69 -14.71
CA LEU B 279 33.44 -30.38 -15.02
C LEU B 279 34.30 -29.98 -13.83
N SER B 280 33.75 -30.06 -12.62
CA SER B 280 34.51 -29.72 -11.40
C SER B 280 35.97 -30.15 -11.55
N LYS B 281 36.20 -31.41 -11.94
CA LYS B 281 37.58 -31.94 -12.04
C LYS B 281 38.53 -30.86 -12.56
N LEU B 282 38.15 -30.16 -13.64
CA LEU B 282 39.09 -29.19 -14.25
C LEU B 282 39.38 -28.07 -13.25
N LEU B 283 39.05 -28.27 -11.98
CA LEU B 283 39.35 -27.25 -10.94
C LEU B 283 39.73 -27.98 -9.64
N ARG B 284 39.87 -29.31 -9.72
CA ARG B 284 40.27 -30.10 -8.53
C ARG B 284 41.46 -29.42 -7.85
N GLY B 285 41.52 -29.46 -6.52
CA GLY B 285 42.60 -28.80 -5.79
C GLY B 285 42.44 -27.30 -5.66
N THR B 286 43.00 -26.75 -4.58
CA THR B 286 42.70 -25.41 -4.09
C THR B 286 43.36 -24.36 -4.98
N LYS B 287 42.77 -24.17 -6.16
CA LYS B 287 43.29 -23.19 -7.11
C LYS B 287 43.06 -21.78 -6.60
N ALA B 288 43.80 -20.84 -7.18
CA ALA B 288 43.48 -19.45 -6.96
C ALA B 288 42.31 -19.05 -7.86
N LEU B 289 41.60 -18.01 -7.44
CA LEU B 289 40.44 -17.58 -8.21
C LEU B 289 40.84 -17.19 -9.61
N THR B 290 41.65 -16.13 -9.76
CA THR B 290 41.95 -15.63 -11.09
C THR B 290 43.06 -16.44 -11.75
N GLU B 291 42.92 -17.77 -11.74
CA GLU B 291 43.89 -18.67 -12.36
C GLU B 291 43.28 -19.19 -13.65
N VAL B 292 43.75 -18.67 -14.78
CA VAL B 292 43.17 -18.99 -16.08
C VAL B 292 43.41 -20.48 -16.38
N ILE B 293 42.33 -21.26 -16.49
CA ILE B 293 42.37 -22.73 -16.57
C ILE B 293 42.01 -23.17 -17.99
N PRO B 294 42.64 -24.25 -18.53
CA PRO B 294 42.31 -24.71 -19.88
C PRO B 294 41.02 -25.50 -19.97
N LEU B 295 40.79 -26.09 -21.14
CA LEU B 295 39.53 -26.75 -21.46
C LEU B 295 39.78 -28.22 -21.76
N THR B 296 39.15 -29.09 -20.98
CA THR B 296 39.30 -30.54 -21.13
C THR B 296 38.27 -31.09 -22.11
N GLU B 297 38.69 -32.12 -22.84
CA GLU B 297 37.79 -32.80 -23.77
C GLU B 297 36.49 -33.20 -23.08
N GLU B 298 36.59 -34.06 -22.06
CA GLU B 298 35.40 -34.47 -21.33
C GLU B 298 34.66 -33.28 -20.75
N ALA B 299 35.38 -32.20 -20.44
CA ALA B 299 34.73 -30.97 -19.98
C ALA B 299 34.00 -30.28 -21.13
N GLU B 300 34.71 -30.03 -22.24
CA GLU B 300 34.06 -29.42 -23.41
C GLU B 300 32.92 -30.31 -23.88
N LEU B 301 33.13 -31.63 -23.88
CA LEU B 301 32.07 -32.56 -24.20
C LEU B 301 30.86 -32.32 -23.32
N GLU B 302 31.08 -32.25 -22.00
CA GLU B 302 30.02 -31.86 -21.10
C GLU B 302 29.39 -30.55 -21.55
N LEU B 303 30.21 -29.49 -21.65
CA LEU B 303 29.71 -28.16 -22.01
C LEU B 303 28.84 -28.19 -23.26
N ALA B 304 29.29 -28.91 -24.29
CA ALA B 304 28.48 -29.06 -25.49
C ALA B 304 27.19 -29.82 -25.19
N GLU B 305 27.29 -30.95 -24.48
CA GLU B 305 26.10 -31.74 -24.14
C GLU B 305 25.11 -30.90 -23.34
N ASN B 306 25.60 -30.13 -22.38
CA ASN B 306 24.74 -29.24 -21.60
C ASN B 306 24.07 -28.21 -22.51
N ARG B 307 24.85 -27.55 -23.37
CA ARG B 307 24.31 -26.48 -24.21
C ARG B 307 23.14 -26.96 -25.06
N GLU B 308 23.24 -28.17 -25.63
CA GLU B 308 22.13 -28.73 -26.40
C GLU B 308 20.94 -29.05 -25.49
N ILE B 309 21.23 -29.64 -24.32
CA ILE B 309 20.13 -30.03 -23.41
C ILE B 309 19.33 -28.77 -23.09
N LEU B 310 20.03 -27.63 -22.97
CA LEU B 310 19.35 -26.35 -22.67
C LEU B 310 18.42 -26.00 -23.84
N LYS B 311 19.00 -25.79 -25.03
CA LYS B 311 18.20 -25.40 -26.21
C LYS B 311 16.90 -26.20 -26.24
N GLU B 312 16.94 -27.47 -25.84
CA GLU B 312 15.75 -28.33 -25.90
C GLU B 312 14.87 -28.10 -24.68
N PRO B 313 13.61 -27.69 -24.84
CA PRO B 313 12.74 -27.48 -23.69
C PRO B 313 12.37 -28.78 -22.99
N VAL B 314 11.56 -28.70 -21.95
CA VAL B 314 11.27 -29.86 -21.12
C VAL B 314 9.82 -30.25 -21.35
N HIS B 315 9.38 -31.31 -20.68
CA HIS B 315 7.99 -31.73 -20.75
C HIS B 315 7.42 -31.74 -19.33
N GLY B 316 6.10 -32.00 -19.24
CA GLY B 316 5.36 -31.93 -17.99
C GLY B 316 4.63 -30.61 -17.77
N VAL B 317 4.85 -29.60 -18.61
CA VAL B 317 4.46 -28.24 -18.32
C VAL B 317 3.12 -27.94 -19.01
N TYR B 318 2.04 -28.10 -18.26
CA TYR B 318 0.70 -27.92 -18.78
C TYR B 318 -0.02 -26.89 -17.92
N TYR B 319 -0.64 -25.91 -18.58
CA TYR B 319 -1.47 -24.94 -17.88
C TYR B 319 -2.56 -25.65 -17.11
N ASP B 320 -2.76 -25.26 -15.87
CA ASP B 320 -3.87 -25.78 -15.09
C ASP B 320 -4.90 -24.67 -14.93
N PRO B 321 -6.05 -24.77 -15.58
CA PRO B 321 -7.04 -23.68 -15.49
C PRO B 321 -7.61 -23.46 -14.10
N SER B 322 -7.47 -24.42 -13.18
CA SER B 322 -7.87 -24.13 -11.81
C SER B 322 -6.82 -23.28 -11.09
N LYS B 323 -5.54 -23.41 -11.47
CA LYS B 323 -4.46 -22.74 -10.75
C LYS B 323 -4.25 -21.31 -11.23
N ASP B 324 -4.02 -20.40 -10.26
CA ASP B 324 -3.63 -19.03 -10.53
C ASP B 324 -2.32 -18.98 -11.32
N LEU B 325 -2.10 -17.87 -12.02
CA LEU B 325 -0.86 -17.68 -12.74
C LEU B 325 0.03 -16.73 -11.95
N ILE B 326 1.27 -17.14 -11.70
CA ILE B 326 2.19 -16.40 -10.85
C ILE B 326 3.34 -15.87 -11.70
N ALA B 327 3.54 -14.54 -11.69
CA ALA B 327 4.61 -13.94 -12.47
C ALA B 327 5.67 -13.37 -11.55
N GLU B 328 6.92 -13.70 -11.82
CA GLU B 328 8.06 -13.17 -11.12
C GLU B 328 8.88 -12.34 -12.09
N ILE B 329 9.42 -11.23 -11.60
CA ILE B 329 10.31 -10.35 -12.36
C ILE B 329 11.57 -10.09 -11.56
N GLN B 330 12.70 -10.01 -12.26
CA GLN B 330 13.94 -9.56 -11.65
C GLN B 330 14.51 -8.40 -12.45
N LYS B 331 15.05 -7.42 -11.73
CA LYS B 331 15.76 -6.31 -12.34
C LYS B 331 17.18 -6.75 -12.68
N GLN B 332 17.54 -6.68 -13.95
CA GLN B 332 18.82 -7.19 -14.42
C GLN B 332 19.81 -6.10 -14.76
N GLY B 333 19.45 -4.85 -14.59
CA GLY B 333 20.45 -3.82 -14.78
C GLY B 333 20.43 -3.26 -16.18
N GLN B 334 20.71 -1.95 -16.26
CA GLN B 334 20.82 -1.23 -17.52
C GLN B 334 19.55 -1.37 -18.35
N GLY B 335 18.40 -1.31 -17.67
CA GLY B 335 17.12 -1.37 -18.34
C GLY B 335 16.62 -2.75 -18.67
N GLN B 336 17.43 -3.79 -18.51
CA GLN B 336 16.97 -5.14 -18.74
C GLN B 336 16.24 -5.68 -17.52
N TRP B 337 15.09 -6.28 -17.75
CA TRP B 337 14.35 -7.02 -16.75
C TRP B 337 14.04 -8.38 -17.34
N THR B 338 13.77 -9.35 -16.49
CA THR B 338 13.42 -10.68 -16.97
C THR B 338 12.30 -11.22 -16.10
N TYR B 339 11.51 -12.12 -16.68
CA TYR B 339 10.31 -12.58 -16.00
C TYR B 339 10.07 -14.05 -16.28
N GLN B 340 9.33 -14.68 -15.37
CA GLN B 340 8.94 -16.07 -15.52
C GLN B 340 7.50 -16.22 -15.04
N ILE B 341 6.62 -16.67 -15.92
CA ILE B 341 5.25 -16.98 -15.59
C ILE B 341 5.16 -18.48 -15.32
N TYR B 342 4.56 -18.86 -14.21
CA TYR B 342 4.48 -20.27 -13.85
C TYR B 342 3.30 -20.44 -12.91
N GLN B 343 3.00 -21.67 -12.53
CA GLN B 343 2.06 -21.90 -11.45
C GLN B 343 2.65 -22.87 -10.44
N GLU B 344 3.62 -23.66 -10.87
CA GLU B 344 4.38 -24.57 -10.02
C GLU B 344 5.86 -24.21 -10.11
N PRO B 345 6.57 -24.05 -8.98
CA PRO B 345 7.97 -23.59 -9.07
C PRO B 345 8.77 -24.51 -9.95
N PHE B 346 9.64 -23.90 -10.76
CA PHE B 346 10.49 -24.58 -11.72
C PHE B 346 9.72 -25.10 -12.94
N LYS B 347 8.37 -25.09 -12.90
CA LYS B 347 7.55 -25.55 -14.03
C LYS B 347 7.00 -24.32 -14.76
N ASN B 348 7.82 -23.78 -15.66
CA ASN B 348 7.68 -22.42 -16.18
C ASN B 348 6.96 -22.37 -17.52
N LEU B 349 5.71 -21.92 -17.53
CA LEU B 349 4.96 -21.75 -18.77
C LEU B 349 5.63 -20.77 -19.75
N LYS B 350 5.65 -19.49 -19.41
CA LYS B 350 6.23 -18.50 -20.31
C LYS B 350 7.46 -17.87 -19.65
N THR B 351 8.43 -17.49 -20.47
CA THR B 351 9.65 -16.85 -20.00
C THR B 351 10.07 -15.80 -20.99
N GLY B 352 10.41 -14.62 -20.50
CA GLY B 352 10.80 -13.60 -21.44
C GLY B 352 11.70 -12.59 -20.79
N LYS B 353 12.20 -11.68 -21.60
CA LYS B 353 13.02 -10.57 -21.19
C LYS B 353 12.27 -9.29 -21.53
N TYR B 354 12.79 -8.14 -21.11
CA TYR B 354 12.22 -6.86 -21.49
C TYR B 354 13.29 -5.78 -21.36
N ALA B 355 13.30 -4.83 -22.30
CA ALA B 355 14.13 -3.64 -22.21
C ALA B 355 13.61 -2.54 -23.13
N ARG B 356 13.21 -1.40 -22.54
CA ARG B 356 12.79 -0.26 -23.39
C ARG B 356 14.00 0.25 -24.16
N MET B 357 13.79 1.22 -25.06
CA MET B 357 14.90 1.76 -25.89
C MET B 357 16.18 1.82 -25.05
N ALA B 360 16.30 6.27 -21.89
CA ALA B 360 16.05 7.73 -21.78
C ALA B 360 14.90 7.98 -20.81
N HIS B 361 15.06 8.96 -19.90
CA HIS B 361 14.01 9.23 -18.89
C HIS B 361 13.33 7.92 -18.52
N THR B 362 14.10 6.88 -18.24
CA THR B 362 13.50 5.54 -17.99
C THR B 362 13.52 5.24 -16.49
N ASN B 363 12.81 6.04 -15.69
CA ASN B 363 12.72 5.78 -14.23
C ASN B 363 12.55 4.29 -14.00
N ASP B 364 13.30 3.72 -13.06
CA ASP B 364 13.20 2.29 -12.75
C ASP B 364 11.73 1.87 -12.64
N VAL B 365 10.87 2.74 -12.11
CA VAL B 365 9.49 2.33 -11.89
C VAL B 365 8.69 2.31 -13.18
N LYS B 366 8.89 3.31 -14.05
CA LYS B 366 8.29 3.29 -15.38
C LYS B 366 8.59 1.96 -16.07
N GLN B 367 9.84 1.48 -15.97
CA GLN B 367 10.21 0.23 -16.60
C GLN B 367 9.43 -0.94 -16.04
N LEU B 368 9.22 -0.96 -14.72
CA LEU B 368 8.43 -2.03 -14.12
C LEU B 368 6.99 -1.95 -14.56
N THR B 369 6.41 -0.74 -14.57
CA THR B 369 5.04 -0.56 -15.01
C THR B 369 4.86 -1.09 -16.43
N GLU B 370 5.71 -0.63 -17.35
CA GLU B 370 5.66 -1.16 -18.70
C GLU B 370 5.89 -2.66 -18.72
N ALA B 371 6.89 -3.14 -17.98
CA ALA B 371 7.07 -4.58 -17.90
C ALA B 371 5.79 -5.28 -17.47
N VAL B 372 5.20 -4.83 -16.36
CA VAL B 372 4.02 -5.55 -15.85
C VAL B 372 2.89 -5.52 -16.86
N GLN B 373 2.66 -4.36 -17.48
CA GLN B 373 1.59 -4.26 -18.47
C GLN B 373 1.86 -5.18 -19.66
N LYS B 374 3.09 -5.21 -20.17
CA LYS B 374 3.43 -6.16 -21.23
C LYS B 374 3.14 -7.58 -20.81
N ILE B 375 3.57 -7.95 -19.61
CA ILE B 375 3.45 -9.33 -19.20
C ILE B 375 1.98 -9.72 -19.11
N THR B 376 1.10 -8.84 -18.64
CA THR B 376 -0.28 -9.28 -18.46
C THR B 376 -0.98 -9.41 -19.79
N THR B 377 -0.62 -8.59 -20.76
CA THR B 377 -1.13 -8.80 -22.12
C THR B 377 -0.71 -10.16 -22.67
N GLU B 378 0.57 -10.51 -22.57
CA GLU B 378 0.95 -11.84 -23.01
C GLU B 378 0.10 -12.89 -22.30
N SER B 379 -0.27 -12.63 -21.05
CA SER B 379 -1.06 -13.60 -20.34
C SER B 379 -2.49 -13.59 -20.81
N ILE B 380 -3.04 -12.39 -21.03
CA ILE B 380 -4.39 -12.32 -21.56
C ILE B 380 -4.48 -13.04 -22.90
N VAL B 381 -3.50 -12.81 -23.78
CA VAL B 381 -3.52 -13.41 -25.12
C VAL B 381 -3.47 -14.92 -25.04
N ILE B 382 -2.51 -15.44 -24.27
CA ILE B 382 -2.28 -16.87 -24.26
C ILE B 382 -3.40 -17.59 -23.52
N TRP B 383 -3.58 -17.25 -22.25
CA TRP B 383 -4.46 -18.01 -21.37
C TRP B 383 -5.76 -17.29 -21.00
N GLY B 384 -5.91 -16.01 -21.34
CA GLY B 384 -7.15 -15.32 -21.04
C GLY B 384 -7.43 -15.11 -19.55
N LYS B 385 -6.38 -15.05 -18.73
CA LYS B 385 -6.47 -14.66 -17.34
C LYS B 385 -5.21 -13.87 -17.02
N THR B 386 -5.34 -12.93 -16.12
CA THR B 386 -4.09 -12.25 -15.82
C THR B 386 -3.38 -12.95 -14.68
N PRO B 387 -2.06 -12.83 -14.62
CA PRO B 387 -1.28 -13.39 -13.51
C PRO B 387 -1.29 -12.49 -12.26
N LYS B 388 -0.77 -13.06 -11.17
CA LYS B 388 -0.50 -12.34 -9.93
C LYS B 388 1.00 -12.06 -9.85
N PHE B 389 1.36 -10.82 -9.52
CA PHE B 389 2.76 -10.43 -9.62
C PHE B 389 3.46 -10.47 -8.28
N LYS B 390 4.67 -11.07 -8.29
CA LYS B 390 5.69 -10.93 -7.25
C LYS B 390 6.68 -9.85 -7.70
N LEU B 391 6.39 -8.58 -7.30
CA LEU B 391 7.08 -7.36 -7.70
C LEU B 391 8.31 -7.12 -6.84
N PRO B 392 9.44 -6.92 -7.45
CA PRO B 392 10.67 -6.49 -6.79
C PRO B 392 10.67 -5.01 -6.46
N ILE B 393 9.84 -4.59 -5.50
CA ILE B 393 9.70 -3.16 -5.19
C ILE B 393 9.07 -3.01 -3.82
N GLN B 394 9.37 -1.89 -3.15
CA GLN B 394 8.80 -1.65 -1.84
C GLN B 394 7.31 -1.40 -1.98
N LYS B 395 6.52 -1.92 -1.04
CA LYS B 395 5.06 -1.86 -1.19
C LYS B 395 4.56 -0.44 -1.33
N GLU B 396 5.04 0.43 -0.47
CA GLU B 396 4.49 1.77 -0.43
C GLU B 396 5.03 2.60 -1.58
N THR B 397 6.23 2.29 -2.06
CA THR B 397 6.74 2.98 -3.24
C THR B 397 5.85 2.70 -4.45
N TRP B 398 5.44 1.43 -4.62
CA TRP B 398 4.56 1.06 -5.74
C TRP B 398 3.18 1.68 -5.59
N GLU B 399 2.64 1.67 -4.38
CA GLU B 399 1.30 2.18 -4.14
C GLU B 399 1.25 3.68 -4.29
N THR B 400 2.33 4.29 -4.74
CA THR B 400 2.47 5.73 -4.89
C THR B 400 2.68 6.13 -6.34
N TRP B 401 3.62 5.52 -7.03
CA TRP B 401 3.93 5.90 -8.41
C TRP B 401 3.45 4.90 -9.45
N TRP B 402 2.61 3.95 -9.06
CA TRP B 402 2.07 3.00 -10.07
C TRP B 402 1.09 3.71 -10.99
N THR B 403 0.27 4.62 -10.46
CA THR B 403 -0.77 5.30 -11.27
C THR B 403 -0.14 6.20 -12.33
N GLU B 404 1.18 6.38 -12.29
CA GLU B 404 1.80 7.33 -13.26
C GLU B 404 1.94 6.85 -14.70
N TYR B 405 2.53 5.68 -14.91
CA TYR B 405 2.72 5.18 -16.26
C TYR B 405 1.70 4.13 -16.62
N TRP B 406 0.61 4.03 -15.87
CA TRP B 406 -0.34 2.97 -16.10
C TRP B 406 -1.24 3.37 -17.25
N GLN B 407 -1.24 2.58 -18.31
CA GLN B 407 -1.98 2.88 -19.53
C GLN B 407 -2.95 1.77 -19.90
N ALA B 408 -3.59 1.13 -18.92
CA ALA B 408 -4.39 -0.05 -19.18
C ALA B 408 -5.69 0.04 -18.40
N THR B 409 -6.73 -0.63 -18.92
CA THR B 409 -8.05 -0.56 -18.30
C THR B 409 -8.18 -1.47 -17.09
N TRP B 410 -7.33 -2.47 -16.98
CA TRP B 410 -7.38 -3.45 -15.93
C TRP B 410 -6.20 -3.27 -14.99
N ILE B 411 -6.25 -3.99 -13.87
CA ILE B 411 -5.18 -4.02 -12.87
C ILE B 411 -4.93 -5.46 -12.41
N PRO B 412 -3.75 -6.03 -12.60
CA PRO B 412 -3.49 -7.37 -12.04
C PRO B 412 -3.47 -7.34 -10.51
N GLU B 413 -3.61 -8.53 -9.92
CA GLU B 413 -3.26 -8.70 -8.52
C GLU B 413 -1.75 -8.55 -8.35
N TRP B 414 -1.30 -8.16 -7.15
CA TRP B 414 0.15 -8.17 -6.93
C TRP B 414 0.50 -8.27 -5.46
N GLU B 415 1.79 -8.41 -5.22
CA GLU B 415 2.43 -8.46 -3.92
C GLU B 415 3.91 -8.23 -4.15
N PHE B 416 4.69 -8.18 -3.07
CA PHE B 416 6.01 -7.58 -3.14
C PHE B 416 7.05 -8.50 -2.53
N VAL B 417 8.01 -8.97 -3.36
CA VAL B 417 9.08 -9.87 -2.95
C VAL B 417 10.30 -9.07 -2.57
N ASN B 418 11.07 -9.65 -1.67
CA ASN B 418 12.15 -8.95 -0.99
C ASN B 418 13.46 -9.73 -1.03
N THR B 419 13.53 -10.83 -1.77
CA THR B 419 14.63 -11.76 -1.48
C THR B 419 15.13 -12.61 -2.67
N PRO B 420 15.62 -12.04 -3.77
CA PRO B 420 16.19 -12.87 -4.86
C PRO B 420 17.68 -13.10 -4.67
N PRO B 421 18.12 -14.34 -4.38
CA PRO B 421 19.52 -14.56 -3.93
C PRO B 421 20.62 -14.42 -4.97
N LEU B 422 20.51 -15.24 -6.01
CA LEU B 422 21.51 -15.38 -7.04
C LEU B 422 20.87 -15.38 -8.40
N VAL B 423 19.54 -15.48 -8.45
CA VAL B 423 18.76 -15.67 -9.65
C VAL B 423 18.94 -14.50 -10.64
N LYS B 424 19.37 -13.32 -10.17
CA LYS B 424 19.64 -12.23 -11.12
C LYS B 424 20.71 -12.64 -12.12
N LEU B 425 21.81 -13.21 -11.63
CA LEU B 425 22.80 -13.78 -12.54
C LEU B 425 22.19 -14.91 -13.35
N TRP B 426 21.43 -15.79 -12.68
CA TRP B 426 21.05 -17.07 -13.27
C TRP B 426 20.11 -16.93 -14.45
N TYR B 427 19.47 -15.78 -14.61
CA TYR B 427 18.60 -15.55 -15.76
C TYR B 427 19.26 -14.56 -16.70
C1 VPB C . -5.58 29.30 10.98
C2 VPB C . -5.73 30.08 13.36
C3 VPB C . -6.24 29.61 14.73
C4 VPB C . -6.92 27.55 14.12
C5 VPB C . -6.15 27.65 12.80
C6 VPB C . -5.66 28.21 9.91
C7 VPB C . -7.07 28.07 9.32
C8 VPB C . -9.23 27.31 9.66
O1 VPB C . -5.32 30.40 10.65
C17 VPB C . -9.83 22.53 12.77
C16 VPB C . -9.54 22.95 11.49
C15 VPB C . -9.55 24.26 11.19
O2 VPB C . -7.35 28.78 14.54
C14 VPB C . -9.84 25.17 12.15
C13 VPB C . -10.20 26.85 10.53
C12 VPB C . -11.53 26.78 10.12
C9 VPB C . -9.55 27.67 8.35
C11 VPB C . -11.86 27.14 8.81
C10 VPB C . -10.87 27.58 7.93
C18 VPB C . -10.12 24.71 13.45
C19 VPB C . -10.43 25.31 14.68
C20 VPB C . -10.62 24.25 15.63
C21 VPB C . -10.97 24.36 17.12
C22 VPB C . -10.38 23.07 14.92
N1 VPB C . -5.82 29.01 12.40
N2 VPB C . -10.11 23.43 13.72
N3 VPB C . -11.25 24.42 18.22
O3 VPB C . -7.93 27.36 10.14
O4 VPB C . -9.80 26.53 11.83
P PO4 D . 8.78 5.61 12.84
O1 PO4 D . 8.09 6.95 12.53
O2 PO4 D . 9.37 4.91 11.63
O3 PO4 D . 9.92 5.87 13.83
O4 PO4 D . 7.75 4.65 13.46
P PO4 E . 11.90 -2.47 12.35
O1 PO4 E . 11.00 -2.03 11.22
O2 PO4 E . 12.94 -3.47 11.90
O3 PO4 E . 12.59 -1.23 12.85
O4 PO4 E . 11.06 -3.14 13.44
MG MG F . 29.78 -27.49 3.58
#